data_7P5M
#
_entry.id   7P5M
#
_cell.length_a   1.00
_cell.length_b   1.00
_cell.length_c   1.00
_cell.angle_alpha   90.00
_cell.angle_beta   90.00
_cell.angle_gamma   90.00
#
_symmetry.space_group_name_H-M   'P 1'
#
loop_
_entity.id
_entity.type
_entity.pdbx_description
1 polymer 'Protein tweety homolog 2'
2 branched 2-acetamido-2-deoxy-beta-D-glucopyranose-(1-4)-2-acetamido-2-deoxy-beta-D-glucopyranose
3 non-polymer 2-acetamido-2-deoxy-beta-D-glucopyranose
#
_entity_poly.entity_id   1
_entity_poly.type   'polypeptide(L)'
_entity_poly.pdbx_seq_one_letter_code
;SQAARVDYIAPWWVVWLHSVPHVGLRLQPVNSTFSPGDESYQESLLFLGLVAAVCLGLNLIFLVAYLVCACHCRRDDAVQ
TKQHHSCCITWTAVVAGLICCAAVGVGFYGNSETNDGAYQLMYSLDDANHTFSGIDALVSGTTQKMKVDLEQHLARLSEI
FAARGDYLQTLKFIQQMAGSVVVQLSGLPVWREVTMELTKLSDQTGYVEYYRWLSYLLLFILDLVICLIACLGLAKRSKC
LLASMLCCGALSLLLSWASLAADGSAAVATSDFCVAPDTFILNVTEGQISTEVTRYYLYCSQSGSSPFQQTLTTFQRALT
TMQIQVAGLLQFAVPLFSTAEEDLLAIQLLLNSSESSLHQLTAMVDCRGLHKDYLDALAGICYDGLQGLLYLGLFSFLAA
LAFSTMICAGPRAWKHFTTRNRDYDDIDDDDPFNPQAWRMAAHSPPRGQLHSFCSYSSGLGSQTSLQPPAQTISNAPVSE
YMNQAMLFGRNPRYENVPLIGRASPPPTYSPSMRATYLSVADEHLRHYGNQFPAALEVLFQ
;
_entity_poly.pdbx_strand_id   A,B
#
loop_
_chem_comp.id
_chem_comp.type
_chem_comp.name
_chem_comp.formula
NAG D-saccharide, beta linking 2-acetamido-2-deoxy-beta-D-glucopyranose 'C8 H15 N O6'
#
# COMPACT_ATOMS: atom_id res chain seq x y z
N VAL A 6 11.77 -6.03 3.57
CA VAL A 6 10.61 -6.89 3.56
C VAL A 6 10.84 -8.08 2.63
N ASP A 7 10.23 -9.22 2.96
CA ASP A 7 10.34 -10.41 2.14
C ASP A 7 9.07 -11.24 2.32
N TYR A 8 8.84 -12.14 1.38
CA TYR A 8 7.63 -12.98 1.38
C TYR A 8 7.94 -14.32 2.01
N ILE A 9 7.17 -14.69 3.03
CA ILE A 9 7.23 -16.00 3.65
C ILE A 9 5.82 -16.57 3.70
N ALA A 10 5.70 -17.87 3.49
CA ALA A 10 4.39 -18.49 3.42
C ALA A 10 3.72 -18.51 4.79
N PRO A 11 2.54 -17.94 4.95
CA PRO A 11 1.85 -17.99 6.25
C PRO A 11 1.34 -19.39 6.54
N TRP A 12 0.96 -19.60 7.81
CA TRP A 12 0.52 -20.92 8.24
C TRP A 12 -0.74 -21.36 7.51
N TRP A 13 -1.68 -20.44 7.30
CA TRP A 13 -2.93 -20.81 6.66
C TRP A 13 -2.69 -21.26 5.22
N VAL A 14 -1.79 -20.58 4.51
CA VAL A 14 -1.52 -20.95 3.11
C VAL A 14 -0.94 -22.35 3.03
N VAL A 15 0.09 -22.63 3.84
CA VAL A 15 0.74 -23.93 3.78
C VAL A 15 -0.19 -25.03 4.26
N TRP A 16 -1.06 -24.73 5.24
CA TRP A 16 -2.01 -25.73 5.70
C TRP A 16 -3.05 -26.04 4.64
N LEU A 17 -3.58 -25.01 3.96
CA LEU A 17 -4.55 -25.25 2.90
C LEU A 17 -3.91 -25.87 1.66
N HIS A 18 -2.60 -25.75 1.50
CA HIS A 18 -1.93 -26.47 0.40
C HIS A 18 -2.02 -27.97 0.56
N SER A 19 -2.28 -28.46 1.76
CA SER A 19 -2.34 -29.90 2.03
C SER A 19 -3.74 -30.47 1.84
N VAL A 20 -4.71 -29.67 1.42
CA VAL A 20 -6.05 -30.20 1.17
C VAL A 20 -5.98 -31.19 0.01
N PRO A 21 -6.49 -32.41 0.16
CA PRO A 21 -6.34 -33.42 -0.90
C PRO A 21 -7.13 -33.04 -2.16
N HIS A 22 -6.42 -33.00 -3.28
CA HIS A 22 -7.03 -32.75 -4.58
C HIS A 22 -7.11 -34.08 -5.31
N VAL A 23 -8.33 -34.53 -5.61
CA VAL A 23 -8.55 -35.85 -6.20
C VAL A 23 -9.39 -35.81 -7.46
N GLY A 24 -9.94 -34.66 -7.82
CA GLY A 24 -10.71 -34.58 -9.04
C GLY A 24 -12.04 -35.31 -8.93
N LEU A 25 -12.68 -35.48 -10.09
CA LEU A 25 -14.00 -36.10 -10.13
C LEU A 25 -13.92 -37.59 -9.81
N ARG A 26 -12.99 -38.30 -10.45
CA ARG A 26 -12.87 -39.74 -10.29
C ARG A 26 -11.99 -40.14 -9.10
N LEU A 27 -11.73 -39.22 -8.18
CA LEU A 27 -10.95 -39.48 -6.98
C LEU A 27 -9.56 -40.02 -7.30
N GLN A 28 -8.91 -39.42 -8.30
CA GLN A 28 -7.54 -39.79 -8.63
C GLN A 28 -6.59 -38.70 -8.18
N PRO A 29 -5.48 -39.04 -7.53
CA PRO A 29 -4.54 -38.02 -7.05
C PRO A 29 -4.02 -37.16 -8.20
N VAL A 30 -4.32 -35.86 -8.12
CA VAL A 30 -3.88 -34.90 -9.13
C VAL A 30 -2.84 -33.98 -8.49
N ASN A 31 -2.04 -33.37 -9.34
CA ASN A 31 -0.97 -32.50 -8.88
C ASN A 31 -1.54 -31.22 -8.26
N SER A 32 -0.95 -30.79 -7.15
CA SER A 32 -1.44 -29.66 -6.39
C SER A 32 -0.87 -28.32 -6.85
N THR A 33 0.05 -28.33 -7.80
CA THR A 33 0.61 -27.07 -8.30
C THR A 33 -0.49 -26.25 -8.97
N PHE A 34 -0.47 -24.93 -8.69
CA PHE A 34 -1.47 -24.03 -9.24
C PHE A 34 -1.36 -23.95 -10.75
N SER A 35 -2.38 -24.45 -11.46
CA SER A 35 -2.40 -24.43 -12.92
C SER A 35 -3.84 -24.31 -13.37
N PRO A 36 -4.36 -23.09 -13.51
CA PRO A 36 -5.74 -22.91 -13.98
C PRO A 36 -5.97 -23.44 -15.38
N GLY A 37 -4.92 -23.57 -16.20
CA GLY A 37 -5.06 -24.10 -17.53
C GLY A 37 -5.15 -25.61 -17.61
N ASP A 38 -4.99 -26.30 -16.49
CA ASP A 38 -5.07 -27.77 -16.48
C ASP A 38 -6.51 -28.20 -16.30
N GLU A 39 -6.98 -29.07 -17.20
CA GLU A 39 -8.35 -29.56 -17.10
C GLU A 39 -8.55 -30.41 -15.84
N SER A 40 -7.53 -31.19 -15.47
CA SER A 40 -7.65 -32.00 -14.26
C SER A 40 -7.67 -31.12 -13.02
N TYR A 41 -6.84 -30.07 -12.99
CA TYR A 41 -6.81 -29.19 -11.83
C TYR A 41 -8.14 -28.48 -11.64
N GLN A 42 -8.77 -28.04 -12.73
CA GLN A 42 -10.06 -27.38 -12.62
C GLN A 42 -11.10 -28.32 -12.04
N GLU A 43 -11.05 -29.61 -12.41
CA GLU A 43 -11.96 -30.59 -11.83
C GLU A 43 -11.74 -30.73 -10.32
N SER A 44 -10.48 -30.63 -9.88
CA SER A 44 -10.18 -30.73 -8.46
C SER A 44 -10.88 -29.62 -7.68
N LEU A 45 -10.86 -28.39 -8.22
CA LEU A 45 -11.64 -27.31 -7.61
C LEU A 45 -13.13 -27.60 -7.71
N LEU A 46 -13.57 -28.20 -8.82
CA LEU A 46 -14.97 -28.57 -8.95
C LEU A 46 -15.36 -29.65 -7.94
N PHE A 47 -14.44 -30.55 -7.62
CA PHE A 47 -14.72 -31.57 -6.62
C PHE A 47 -14.98 -30.95 -5.25
N LEU A 48 -14.21 -29.92 -4.90
CA LEU A 48 -14.42 -29.26 -3.62
C LEU A 48 -15.81 -28.65 -3.53
N GLY A 49 -16.29 -28.06 -4.62
CA GLY A 49 -17.66 -27.57 -4.63
C GLY A 49 -18.68 -28.67 -4.45
N LEU A 50 -18.44 -29.83 -5.06
CA LEU A 50 -19.37 -30.94 -4.92
C LEU A 50 -19.39 -31.48 -3.50
N VAL A 51 -18.28 -31.37 -2.77
CA VAL A 51 -18.25 -31.81 -1.39
C VAL A 51 -19.24 -31.00 -0.55
N ALA A 52 -19.24 -29.69 -0.74
CA ALA A 52 -20.22 -28.85 -0.03
C ALA A 52 -21.63 -29.07 -0.58
N ALA A 53 -21.75 -29.29 -1.89
CA ALA A 53 -23.06 -29.53 -2.48
C ALA A 53 -23.70 -30.79 -1.91
N VAL A 54 -22.92 -31.86 -1.78
CA VAL A 54 -23.42 -33.07 -1.13
C VAL A 54 -23.70 -32.80 0.34
N CYS A 55 -22.84 -32.00 0.99
CA CYS A 55 -23.09 -31.63 2.38
C CYS A 55 -24.40 -30.84 2.51
N LEU A 56 -24.73 -30.04 1.50
CA LEU A 56 -26.04 -29.41 1.48
C LEU A 56 -27.15 -30.45 1.41
N GLY A 57 -26.98 -31.46 0.56
CA GLY A 57 -27.99 -32.51 0.47
C GLY A 57 -28.15 -33.27 1.76
N LEU A 58 -27.04 -33.57 2.43
CA LEU A 58 -27.12 -34.23 3.73
C LEU A 58 -27.79 -33.32 4.76
N ASN A 59 -27.48 -32.02 4.73
CA ASN A 59 -28.08 -31.10 5.67
C ASN A 59 -29.58 -30.92 5.40
N LEU A 60 -29.96 -30.85 4.13
CA LEU A 60 -31.37 -30.66 3.79
C LEU A 60 -32.21 -31.85 4.27
N ILE A 61 -31.71 -33.07 4.09
CA ILE A 61 -32.42 -34.24 4.57
C ILE A 61 -32.49 -34.24 6.10
N PHE A 62 -31.42 -33.79 6.75
CA PHE A 62 -31.38 -33.78 8.21
C PHE A 62 -32.47 -32.86 8.77
N LEU A 63 -32.62 -31.66 8.21
CA LEU A 63 -33.63 -30.75 8.72
C LEU A 63 -35.04 -31.16 8.30
N VAL A 64 -35.18 -31.71 7.09
CA VAL A 64 -36.49 -32.19 6.65
C VAL A 64 -36.96 -33.34 7.52
N ALA A 65 -36.08 -34.29 7.83
CA ALA A 65 -36.47 -35.42 8.65
C ALA A 65 -36.88 -34.97 10.05
N TYR A 66 -36.23 -33.94 10.58
CA TYR A 66 -36.60 -33.43 11.89
C TYR A 66 -38.02 -32.86 11.89
N LEU A 67 -38.41 -32.18 10.81
CA LEU A 67 -39.78 -31.72 10.67
C LEU A 67 -40.76 -32.86 10.40
N VAL A 68 -40.26 -34.04 10.01
CA VAL A 68 -41.13 -35.18 9.76
C VAL A 68 -41.28 -36.06 11.00
N CYS A 69 -40.20 -36.24 11.76
CA CYS A 69 -40.26 -37.06 12.97
C CYS A 69 -41.21 -36.48 14.01
N ALA A 70 -41.52 -35.19 13.92
CA ALA A 70 -42.46 -34.56 14.84
C ALA A 70 -43.88 -35.00 14.53
N CYS A 88 -38.52 -23.62 26.56
CA CYS A 88 -37.13 -23.73 26.16
C CYS A 88 -36.97 -23.38 24.68
N ILE A 89 -38.07 -23.43 23.93
CA ILE A 89 -38.02 -23.15 22.50
C ILE A 89 -37.63 -21.70 22.26
N THR A 90 -38.06 -20.79 23.13
CA THR A 90 -37.66 -19.40 23.01
C THR A 90 -36.15 -19.25 23.21
N TRP A 91 -35.55 -20.07 24.08
CA TRP A 91 -34.10 -20.04 24.24
C TRP A 91 -33.40 -20.48 22.96
N THR A 92 -33.91 -21.52 22.30
CA THR A 92 -33.34 -21.94 21.03
C THR A 92 -33.49 -20.86 19.97
N ALA A 93 -34.64 -20.20 19.93
CA ALA A 93 -34.84 -19.10 18.97
C ALA A 93 -33.87 -17.96 19.23
N VAL A 94 -33.67 -17.61 20.50
CA VAL A 94 -32.76 -16.52 20.84
C VAL A 94 -31.32 -16.91 20.50
N VAL A 95 -30.95 -18.17 20.74
CA VAL A 95 -29.62 -18.64 20.38
C VAL A 95 -29.43 -18.57 18.87
N ALA A 96 -30.45 -18.97 18.10
CA ALA A 96 -30.37 -18.88 16.66
C ALA A 96 -30.20 -17.43 16.21
N GLY A 97 -30.96 -16.51 16.81
CA GLY A 97 -30.82 -15.11 16.46
C GLY A 97 -29.44 -14.55 16.79
N LEU A 98 -28.91 -14.92 17.96
CA LEU A 98 -27.57 -14.48 18.34
C LEU A 98 -26.51 -15.01 17.39
N ILE A 99 -26.63 -16.28 17.01
CA ILE A 99 -25.68 -16.86 16.06
C ILE A 99 -25.82 -16.18 14.71
N CYS A 100 -27.04 -15.84 14.30
CA CYS A 100 -27.24 -15.12 13.05
C CYS A 100 -26.57 -13.76 13.09
N CYS A 101 -26.72 -13.02 14.18
CA CYS A 101 -26.10 -11.70 14.29
C CYS A 101 -24.57 -11.81 14.28
N ALA A 102 -24.02 -12.76 15.04
CA ALA A 102 -22.58 -12.95 15.03
C ALA A 102 -22.10 -13.33 13.64
N ALA A 103 -22.84 -14.21 12.96
CA ALA A 103 -22.45 -14.62 11.62
C ALA A 103 -22.44 -13.46 10.66
N VAL A 104 -23.48 -12.62 10.69
CA VAL A 104 -23.52 -11.51 9.73
C VAL A 104 -22.44 -10.50 10.05
N GLY A 105 -22.11 -10.30 11.33
CA GLY A 105 -20.98 -9.43 11.65
C GLY A 105 -19.67 -9.95 11.10
N VAL A 106 -19.40 -11.25 11.30
CA VAL A 106 -18.18 -11.84 10.76
C VAL A 106 -18.19 -11.76 9.23
N GLY A 107 -19.36 -11.90 8.62
CA GLY A 107 -19.45 -11.81 7.17
C GLY A 107 -19.13 -10.41 6.66
N PHE A 108 -19.63 -9.38 7.36
CA PHE A 108 -19.27 -8.02 7.01
C PHE A 108 -17.76 -7.81 7.11
N TYR A 109 -17.16 -8.31 8.20
CA TYR A 109 -15.72 -8.17 8.36
C TYR A 109 -14.96 -8.87 7.23
N GLY A 110 -15.37 -10.09 6.90
CA GLY A 110 -14.69 -10.84 5.86
C GLY A 110 -14.85 -10.22 4.49
N ASN A 111 -16.05 -9.71 4.18
CA ASN A 111 -16.26 -9.05 2.90
C ASN A 111 -15.41 -7.79 2.79
N SER A 112 -15.33 -7.01 3.86
CA SER A 112 -14.48 -5.82 3.85
C SER A 112 -13.02 -6.21 3.65
N GLU A 113 -12.57 -7.27 4.31
CA GLU A 113 -11.18 -7.68 4.17
C GLU A 113 -10.88 -8.18 2.76
N THR A 114 -11.79 -8.95 2.16
CA THR A 114 -11.60 -9.40 0.78
C THR A 114 -11.57 -8.22 -0.18
N ASN A 115 -12.45 -7.24 0.03
CA ASN A 115 -12.44 -6.06 -0.81
C ASN A 115 -11.12 -5.30 -0.67
N ASP A 116 -10.60 -5.21 0.56
CA ASP A 116 -9.30 -4.56 0.75
C ASP A 116 -8.19 -5.31 0.03
N GLY A 117 -8.20 -6.64 0.09
CA GLY A 117 -7.18 -7.40 -0.61
C GLY A 117 -7.25 -7.23 -2.11
N ALA A 118 -8.46 -7.26 -2.67
CA ALA A 118 -8.62 -7.05 -4.10
C ALA A 118 -8.19 -5.64 -4.50
N TYR A 119 -8.48 -4.65 -3.66
CA TYR A 119 -8.05 -3.28 -3.95
C TYR A 119 -6.53 -3.16 -3.90
N GLN A 120 -5.89 -3.85 -2.95
CA GLN A 120 -4.43 -3.88 -2.91
C GLN A 120 -3.87 -4.48 -4.20
N LEU A 121 -4.45 -5.58 -4.65
CA LEU A 121 -4.02 -6.17 -5.92
C LEU A 121 -4.21 -5.20 -7.07
N MET A 122 -5.35 -4.51 -7.10
CA MET A 122 -5.62 -3.54 -8.16
C MET A 122 -4.57 -2.43 -8.16
N TYR A 123 -4.25 -1.90 -6.99
CA TYR A 123 -3.28 -0.82 -6.90
C TYR A 123 -1.88 -1.28 -7.31
N SER A 124 -1.49 -2.48 -6.87
CA SER A 124 -0.18 -3.00 -7.27
C SER A 124 -0.10 -3.17 -8.78
N LEU A 125 -1.15 -3.73 -9.38
CA LEU A 125 -1.15 -3.90 -10.83
C LEU A 125 -1.15 -2.56 -11.56
N ASP A 126 -1.91 -1.59 -11.05
CA ASP A 126 -1.95 -0.28 -11.68
C ASP A 126 -0.60 0.42 -11.61
N ASP A 127 0.08 0.34 -10.47
CA ASP A 127 1.38 1.01 -10.36
C ASP A 127 2.43 0.29 -11.20
N ALA A 128 2.38 -1.04 -11.26
CA ALA A 128 3.28 -1.76 -12.16
C ALA A 128 3.02 -1.39 -13.61
N ASN A 129 1.75 -1.26 -13.98
CA ASN A 129 1.42 -0.81 -15.33
C ASN A 129 1.97 0.57 -15.59
N HIS A 130 1.84 1.47 -14.62
CA HIS A 130 2.36 2.83 -14.80
C HIS A 130 3.88 2.81 -14.96
N THR A 131 4.58 1.99 -14.18
CA THR A 131 6.03 1.92 -14.32
C THR A 131 6.44 1.35 -15.67
N PHE A 132 5.77 0.30 -16.12
CA PHE A 132 6.08 -0.26 -17.44
C PHE A 132 5.80 0.74 -18.55
N SER A 133 4.68 1.45 -18.45
CA SER A 133 4.36 2.49 -19.43
C SER A 133 5.41 3.59 -19.41
N GLY A 134 5.87 3.97 -18.23
CA GLY A 134 6.91 4.98 -18.14
C GLY A 134 8.21 4.53 -18.79
N ILE A 135 8.63 3.29 -18.53
CA ILE A 135 9.85 2.79 -19.15
C ILE A 135 9.70 2.76 -20.67
N ASP A 136 8.57 2.24 -21.15
CA ASP A 136 8.36 2.15 -22.59
C ASP A 136 8.33 3.53 -23.24
N ALA A 137 7.63 4.48 -22.61
CA ALA A 137 7.56 5.82 -23.15
C ALA A 137 8.93 6.50 -23.16
N LEU A 138 9.70 6.31 -22.09
CA LEU A 138 11.03 6.90 -22.04
C LEU A 138 11.91 6.33 -23.14
N VAL A 139 11.91 5.01 -23.31
CA VAL A 139 12.75 4.39 -24.33
C VAL A 139 12.32 4.85 -25.71
N SER A 140 11.01 4.84 -25.98
CA SER A 140 10.52 5.21 -27.30
C SER A 140 10.82 6.67 -27.62
N GLY A 141 10.55 7.57 -26.66
CA GLY A 141 10.85 8.97 -26.89
C GLY A 141 12.32 9.22 -27.08
N THR A 142 13.16 8.57 -26.27
CA THR A 142 14.60 8.78 -26.38
C THR A 142 15.12 8.31 -27.73
N THR A 143 14.68 7.13 -28.19
CA THR A 143 15.19 6.64 -29.47
C THR A 143 14.65 7.45 -30.63
N GLN A 144 13.37 7.82 -30.59
CA GLN A 144 12.80 8.64 -31.65
C GLN A 144 13.50 9.99 -31.74
N LYS A 145 13.74 10.62 -30.59
CA LYS A 145 14.43 11.90 -30.58
C LYS A 145 15.86 11.75 -31.10
N MET A 146 16.62 10.82 -30.51
CA MET A 146 18.02 10.64 -30.88
C MET A 146 18.19 10.24 -32.33
N LYS A 147 17.17 9.65 -32.95
CA LYS A 147 17.25 9.42 -34.39
C LYS A 147 16.85 10.67 -35.18
N VAL A 148 15.59 11.08 -35.04
CA VAL A 148 15.02 12.07 -35.95
C VAL A 148 15.65 13.44 -35.74
N ASP A 149 15.69 13.92 -34.50
CA ASP A 149 16.15 15.28 -34.27
C ASP A 149 17.65 15.40 -34.52
N LEU A 150 18.42 14.39 -34.14
CA LEU A 150 19.85 14.40 -34.45
C LEU A 150 20.06 14.43 -35.96
N GLU A 151 19.36 13.57 -36.71
CA GLU A 151 19.52 13.57 -38.15
C GLU A 151 19.16 14.93 -38.74
N GLN A 152 18.04 15.50 -38.29
CA GLN A 152 17.60 16.78 -38.83
C GLN A 152 18.61 17.88 -38.56
N HIS A 153 19.04 18.01 -37.30
CA HIS A 153 19.95 19.10 -36.95
C HIS A 153 21.31 18.93 -37.62
N LEU A 154 21.84 17.71 -37.64
CA LEU A 154 23.13 17.49 -38.27
C LEU A 154 23.06 17.74 -39.76
N ALA A 155 21.97 17.33 -40.41
CA ALA A 155 21.80 17.62 -41.83
C ALA A 155 21.68 19.12 -42.07
N ARG A 156 21.00 19.83 -41.18
CA ARG A 156 20.87 21.28 -41.34
C ARG A 156 22.21 21.96 -41.22
N LEU A 157 23.04 21.55 -40.28
CA LEU A 157 24.32 22.24 -40.04
C LEU A 157 25.48 21.63 -40.82
N SER A 158 25.26 20.58 -41.60
CA SER A 158 26.35 19.98 -42.37
C SER A 158 26.86 20.93 -43.45
N GLU A 159 25.95 21.57 -44.19
CA GLU A 159 26.38 22.46 -45.26
C GLU A 159 27.16 23.65 -44.72
N ILE A 160 26.87 24.08 -43.49
CA ILE A 160 27.63 25.16 -42.88
C ILE A 160 29.08 24.74 -42.67
N PHE A 161 29.29 23.52 -42.18
CA PHE A 161 30.61 23.00 -41.89
C PHE A 161 31.28 22.35 -43.11
N ALA A 162 30.74 22.59 -44.31
CA ALA A 162 31.26 21.94 -45.50
C ALA A 162 32.64 22.44 -45.89
N ALA A 163 33.09 23.57 -45.35
CA ALA A 163 34.37 24.15 -45.72
C ALA A 163 35.54 23.54 -44.95
N ARG A 164 35.28 22.66 -43.98
CA ARG A 164 36.33 22.09 -43.15
C ARG A 164 36.02 20.63 -42.89
N GLY A 165 36.95 19.74 -43.27
CA GLY A 165 36.77 18.33 -42.99
C GLY A 165 36.80 18.01 -41.50
N ASP A 166 37.61 18.74 -40.75
CA ASP A 166 37.46 18.75 -39.32
C ASP A 166 36.15 19.44 -38.96
N TYR A 167 35.61 19.02 -37.81
CA TYR A 167 34.25 19.27 -37.32
C TYR A 167 33.27 18.38 -38.09
N LEU A 168 33.66 17.89 -39.26
CA LEU A 168 32.83 16.93 -39.97
C LEU A 168 33.18 15.52 -39.57
N GLN A 169 34.47 15.25 -39.33
CA GLN A 169 34.83 14.02 -38.62
C GLN A 169 34.09 13.93 -37.28
N THR A 170 33.99 15.07 -36.58
CA THR A 170 33.26 15.08 -35.30
C THR A 170 31.77 14.83 -35.51
N LEU A 171 31.18 15.42 -36.55
CA LEU A 171 29.77 15.14 -36.84
C LEU A 171 29.55 13.65 -37.11
N LYS A 172 30.44 13.03 -37.89
CA LYS A 172 30.32 11.61 -38.15
C LYS A 172 30.47 10.79 -36.88
N PHE A 173 31.39 11.19 -36.00
CA PHE A 173 31.55 10.51 -34.72
C PHE A 173 30.28 10.61 -33.88
N ILE A 174 29.67 11.79 -33.85
CA ILE A 174 28.42 11.96 -33.10
C ILE A 174 27.33 11.09 -33.71
N GLN A 175 27.27 11.02 -35.03
CA GLN A 175 26.25 10.19 -35.67
C GLN A 175 26.44 8.72 -35.33
N GLN A 176 27.67 8.22 -35.38
CA GLN A 176 27.90 6.80 -35.08
C GLN A 176 27.62 6.52 -33.61
N MET A 177 27.91 7.47 -32.72
CA MET A 177 27.60 7.24 -31.31
C MET A 177 26.10 7.30 -31.05
N ALA A 178 25.36 8.14 -31.78
CA ALA A 178 23.91 8.12 -31.68
C ALA A 178 23.35 6.79 -32.16
N GLY A 179 23.93 6.25 -33.23
CA GLY A 179 23.56 4.91 -33.66
C GLY A 179 23.83 3.86 -32.60
N SER A 180 24.97 3.98 -31.92
CA SER A 180 25.26 3.07 -30.81
C SER A 180 24.25 3.22 -29.69
N VAL A 181 23.85 4.46 -29.39
CA VAL A 181 22.87 4.70 -28.33
C VAL A 181 21.55 4.04 -28.67
N VAL A 182 21.06 4.23 -29.90
CA VAL A 182 19.77 3.66 -30.26
C VAL A 182 19.85 2.14 -30.36
N VAL A 183 21.00 1.59 -30.76
CA VAL A 183 21.17 0.14 -30.77
C VAL A 183 21.11 -0.41 -29.35
N GLN A 184 21.80 0.24 -28.41
CA GLN A 184 21.77 -0.21 -27.02
C GLN A 184 20.37 -0.08 -26.43
N LEU A 185 19.67 1.01 -26.75
CA LEU A 185 18.33 1.22 -26.21
C LEU A 185 17.35 0.21 -26.78
N SER A 186 17.50 -0.17 -28.04
CA SER A 186 16.64 -1.18 -28.62
C SER A 186 16.79 -2.53 -27.93
N GLY A 187 17.93 -2.76 -27.27
CA GLY A 187 18.11 -4.00 -26.52
C GLY A 187 17.26 -4.11 -25.29
N LEU A 188 16.74 -2.99 -24.79
CA LEU A 188 15.86 -3.03 -23.64
C LEU A 188 14.55 -3.73 -24.02
N PRO A 189 13.96 -4.50 -23.10
CA PRO A 189 12.74 -5.24 -23.43
C PRO A 189 11.57 -4.29 -23.72
N VAL A 190 10.68 -4.76 -24.58
CA VAL A 190 9.45 -4.03 -24.90
C VAL A 190 8.34 -4.57 -24.02
N TRP A 191 7.67 -3.67 -23.31
CA TRP A 191 6.63 -4.04 -22.35
C TRP A 191 5.23 -3.71 -22.86
N ARG A 192 5.03 -3.77 -24.17
CA ARG A 192 3.72 -3.44 -24.73
C ARG A 192 2.71 -4.54 -24.42
N GLU A 193 3.10 -5.80 -24.60
CA GLU A 193 2.20 -6.90 -24.29
C GLU A 193 1.89 -6.97 -22.80
N VAL A 194 2.91 -6.73 -21.96
CA VAL A 194 2.72 -6.79 -20.52
C VAL A 194 1.73 -5.74 -20.07
N THR A 195 1.78 -4.56 -20.69
CA THR A 195 0.81 -3.52 -20.39
C THR A 195 -0.60 -3.98 -20.70
N MET A 196 -0.79 -4.61 -21.87
CA MET A 196 -2.11 -5.14 -22.24
C MET A 196 -2.59 -6.15 -21.20
N GLU A 197 -1.73 -7.10 -20.84
CA GLU A 197 -2.13 -8.14 -19.89
C GLU A 197 -2.51 -7.53 -18.55
N LEU A 198 -1.69 -6.61 -18.05
CA LEU A 198 -1.96 -6.01 -16.74
C LEU A 198 -3.25 -5.21 -16.76
N THR A 199 -3.47 -4.40 -17.79
CA THR A 199 -4.67 -3.57 -17.79
C THR A 199 -5.93 -4.42 -17.97
N LYS A 200 -5.89 -5.45 -18.82
CA LYS A 200 -7.07 -6.27 -19.00
C LYS A 200 -7.37 -7.09 -17.74
N LEU A 201 -6.32 -7.57 -17.06
CA LEU A 201 -6.56 -8.34 -15.84
C LEU A 201 -7.08 -7.43 -14.73
N SER A 202 -6.59 -6.19 -14.69
CA SER A 202 -7.13 -5.23 -13.72
C SER A 202 -8.60 -4.93 -13.98
N ASP A 203 -8.98 -4.75 -15.24
CA ASP A 203 -10.38 -4.53 -15.55
C ASP A 203 -11.24 -5.73 -15.18
N GLN A 204 -10.75 -6.93 -15.49
CA GLN A 204 -11.49 -8.16 -15.17
C GLN A 204 -11.68 -8.30 -13.67
N THR A 205 -10.61 -8.08 -12.89
CA THR A 205 -10.73 -8.19 -11.44
C THR A 205 -11.60 -7.07 -10.87
N GLY A 206 -11.63 -5.90 -11.52
CA GLY A 206 -12.55 -4.88 -11.08
C GLY A 206 -14.00 -5.28 -11.24
N TYR A 207 -14.34 -5.82 -12.41
CA TYR A 207 -15.69 -6.32 -12.63
C TYR A 207 -16.05 -7.39 -11.59
N VAL A 208 -15.15 -8.36 -11.43
CA VAL A 208 -15.44 -9.50 -10.55
C VAL A 208 -15.61 -9.03 -9.11
N GLU A 209 -14.71 -8.15 -8.65
CA GLU A 209 -14.77 -7.71 -7.26
C GLU A 209 -16.01 -6.86 -7.01
N TYR A 210 -16.36 -5.97 -7.93
CA TYR A 210 -17.57 -5.18 -7.74
C TYR A 210 -18.79 -6.09 -7.62
N TYR A 211 -18.93 -7.04 -8.55
CA TYR A 211 -20.11 -7.91 -8.52
C TYR A 211 -20.13 -8.78 -7.28
N ARG A 212 -18.98 -9.32 -6.89
CA ARG A 212 -18.91 -10.19 -5.71
C ARG A 212 -19.23 -9.43 -4.43
N TRP A 213 -18.66 -8.23 -4.27
CA TRP A 213 -18.94 -7.45 -3.08
C TRP A 213 -20.40 -7.06 -3.01
N LEU A 214 -21.00 -6.67 -4.15
CA LEU A 214 -22.43 -6.36 -4.16
C LEU A 214 -23.25 -7.58 -3.77
N SER A 215 -22.89 -8.76 -4.29
CA SER A 215 -23.64 -9.97 -3.99
C SER A 215 -23.59 -10.31 -2.51
N TYR A 216 -22.40 -10.24 -1.91
CA TYR A 216 -22.30 -10.54 -0.48
C TYR A 216 -22.99 -9.48 0.37
N LEU A 217 -22.93 -8.20 -0.02
CA LEU A 217 -23.66 -7.19 0.72
C LEU A 217 -25.17 -7.46 0.67
N LEU A 218 -25.67 -7.83 -0.51
CA LEU A 218 -27.09 -8.16 -0.62
C LEU A 218 -27.44 -9.38 0.23
N LEU A 219 -26.56 -10.38 0.25
CA LEU A 219 -26.80 -11.55 1.08
C LEU A 219 -26.88 -11.18 2.55
N PHE A 220 -25.97 -10.33 3.02
CA PHE A 220 -26.00 -9.90 4.41
C PHE A 220 -27.27 -9.13 4.72
N ILE A 221 -27.68 -8.23 3.81
CA ILE A 221 -28.90 -7.45 4.04
C ILE A 221 -30.11 -8.36 4.10
N LEU A 222 -30.21 -9.32 3.17
CA LEU A 222 -31.33 -10.26 3.19
C LEU A 222 -31.32 -11.10 4.46
N ASP A 223 -30.15 -11.53 4.93
CA ASP A 223 -30.08 -12.31 6.16
C ASP A 223 -30.58 -11.48 7.35
N LEU A 224 -30.18 -10.20 7.41
CA LEU A 224 -30.66 -9.35 8.49
C LEU A 224 -32.17 -9.15 8.42
N VAL A 225 -32.70 -8.95 7.21
CA VAL A 225 -34.14 -8.79 7.06
C VAL A 225 -34.87 -10.06 7.49
N ILE A 226 -34.31 -11.22 7.16
CA ILE A 226 -34.94 -12.48 7.56
C ILE A 226 -34.90 -12.65 9.07
N CYS A 227 -33.82 -12.23 9.72
CA CYS A 227 -33.77 -12.26 11.17
C CYS A 227 -34.84 -11.34 11.78
N LEU A 228 -34.99 -10.14 11.21
CA LEU A 228 -36.03 -9.23 11.69
C LEU A 228 -37.42 -9.82 11.52
N ILE A 229 -37.67 -10.46 10.37
CA ILE A 229 -38.97 -11.07 10.14
C ILE A 229 -39.18 -12.25 11.08
N ALA A 230 -38.11 -12.99 11.40
CA ALA A 230 -38.21 -14.08 12.35
C ALA A 230 -38.62 -13.57 13.73
N CYS A 231 -38.01 -12.46 14.17
CA CYS A 231 -38.42 -11.87 15.44
C CYS A 231 -39.86 -11.37 15.38
N LEU A 232 -40.24 -10.75 14.27
CA LEU A 232 -41.59 -10.20 14.15
C LEU A 232 -42.65 -11.29 14.17
N GLY A 233 -42.35 -12.43 13.54
CA GLY A 233 -43.33 -13.51 13.47
C GLY A 233 -43.71 -14.04 14.85
N LEU A 234 -42.70 -14.26 15.71
CA LEU A 234 -43.01 -14.61 17.09
C LEU A 234 -43.65 -13.44 17.83
N ALA A 235 -43.27 -12.21 17.49
CA ALA A 235 -43.82 -11.04 18.17
C ALA A 235 -45.31 -10.89 17.88
N LYS A 236 -45.70 -10.93 16.61
CA LYS A 236 -47.08 -10.71 16.21
C LYS A 236 -47.92 -11.98 16.13
N ARG A 237 -47.30 -13.15 16.28
CA ARG A 237 -48.01 -14.44 16.28
C ARG A 237 -48.85 -14.61 15.02
N SER A 238 -48.25 -14.31 13.87
CA SER A 238 -48.92 -14.46 12.58
C SER A 238 -48.39 -15.71 11.88
N LYS A 239 -49.28 -16.65 11.58
CA LYS A 239 -48.86 -17.87 10.91
C LYS A 239 -48.49 -17.63 9.45
N CYS A 240 -49.19 -16.72 8.77
CA CYS A 240 -48.91 -16.46 7.37
C CYS A 240 -47.49 -15.94 7.17
N LEU A 241 -46.93 -15.25 8.16
CA LEU A 241 -45.53 -14.83 8.07
C LEU A 241 -44.58 -16.00 8.25
N LEU A 242 -45.01 -17.05 8.95
CA LEU A 242 -44.12 -18.19 9.21
C LEU A 242 -43.76 -18.91 7.91
N ALA A 243 -44.72 -19.07 7.00
CA ALA A 243 -44.42 -19.72 5.73
C ALA A 243 -43.40 -18.91 4.93
N SER A 244 -43.57 -17.59 4.91
CA SER A 244 -42.64 -16.73 4.16
C SER A 244 -41.24 -16.79 4.76
N MET A 245 -41.14 -16.73 6.10
CA MET A 245 -39.83 -16.79 6.71
C MET A 245 -39.18 -18.15 6.50
N LEU A 246 -39.96 -19.23 6.53
CA LEU A 246 -39.39 -20.55 6.29
C LEU A 246 -38.88 -20.69 4.85
N CYS A 247 -39.67 -20.22 3.88
CA CYS A 247 -39.23 -20.34 2.49
C CYS A 247 -38.00 -19.47 2.23
N CYS A 248 -37.99 -18.24 2.78
CA CYS A 248 -36.81 -17.39 2.63
C CYS A 248 -35.61 -17.99 3.34
N GLY A 249 -35.83 -18.64 4.48
CA GLY A 249 -34.73 -19.30 5.18
C GLY A 249 -34.16 -20.45 4.39
N ALA A 250 -35.02 -21.24 3.74
CA ALA A 250 -34.53 -22.33 2.89
C ALA A 250 -33.73 -21.78 1.70
N LEU A 251 -34.24 -20.71 1.08
CA LEU A 251 -33.52 -20.11 -0.04
C LEU A 251 -32.16 -19.59 0.41
N SER A 252 -32.12 -18.87 1.53
CA SER A 252 -30.87 -18.37 2.06
C SER A 252 -29.95 -19.51 2.49
N LEU A 253 -30.52 -20.63 2.92
CA LEU A 253 -29.71 -21.78 3.31
C LEU A 253 -28.99 -22.37 2.11
N LEU A 254 -29.71 -22.61 1.02
CA LEU A 254 -29.06 -23.12 -0.18
C LEU A 254 -28.06 -22.11 -0.73
N LEU A 255 -28.40 -20.82 -0.66
CA LEU A 255 -27.47 -19.78 -1.11
C LEU A 255 -26.21 -19.78 -0.25
N SER A 256 -26.35 -19.93 1.06
CA SER A 256 -25.19 -19.93 1.95
C SER A 256 -24.33 -21.16 1.74
N TRP A 257 -24.94 -22.31 1.45
CA TRP A 257 -24.14 -23.49 1.15
C TRP A 257 -23.38 -23.33 -0.16
N ALA A 258 -24.02 -22.72 -1.17
CA ALA A 258 -23.30 -22.40 -2.40
C ALA A 258 -22.16 -21.44 -2.14
N SER A 259 -22.39 -20.45 -1.27
CA SER A 259 -21.33 -19.51 -0.91
C SER A 259 -20.18 -20.22 -0.22
N LEU A 260 -20.49 -21.17 0.65
CA LEU A 260 -19.44 -21.96 1.31
C LEU A 260 -18.63 -22.74 0.28
N ALA A 261 -19.31 -23.36 -0.69
CA ALA A 261 -18.60 -24.10 -1.72
C ALA A 261 -17.67 -23.18 -2.50
N ALA A 262 -18.18 -22.02 -2.91
CA ALA A 262 -17.38 -21.07 -3.67
C ALA A 262 -16.19 -20.58 -2.86
N ASP A 263 -16.41 -20.26 -1.58
CA ASP A 263 -15.33 -19.77 -0.73
C ASP A 263 -14.27 -20.84 -0.52
N GLY A 264 -14.68 -22.09 -0.31
CA GLY A 264 -13.71 -23.16 -0.15
C GLY A 264 -12.87 -23.36 -1.40
N SER A 265 -13.52 -23.39 -2.56
CA SER A 265 -12.77 -23.55 -3.81
C SER A 265 -11.81 -22.40 -4.04
N ALA A 266 -12.29 -21.17 -3.82
CA ALA A 266 -11.43 -20.00 -4.02
C ALA A 266 -10.26 -19.99 -3.04
N ALA A 267 -10.51 -20.36 -1.78
CA ALA A 267 -9.43 -20.40 -0.81
C ALA A 267 -8.39 -21.45 -1.19
N VAL A 268 -8.83 -22.62 -1.64
CA VAL A 268 -7.89 -23.65 -2.06
C VAL A 268 -7.05 -23.15 -3.24
N ALA A 269 -7.70 -22.53 -4.24
CA ALA A 269 -6.97 -22.04 -5.40
C ALA A 269 -5.97 -20.96 -5.02
N THR A 270 -6.38 -20.01 -4.18
CA THR A 270 -5.47 -18.93 -3.78
C THR A 270 -4.31 -19.48 -2.97
N SER A 271 -4.56 -20.46 -2.09
CA SER A 271 -3.45 -21.06 -1.35
C SER A 271 -2.49 -21.78 -2.28
N ASP A 272 -3.02 -22.51 -3.26
CA ASP A 272 -2.17 -23.21 -4.22
C ASP A 272 -1.29 -22.22 -4.97
N PHE A 273 -1.85 -21.08 -5.38
CA PHE A 273 -1.03 -20.08 -6.05
C PHE A 273 -0.01 -19.48 -5.09
N CYS A 274 -0.44 -19.12 -3.88
CA CYS A 274 0.41 -18.43 -2.94
C CYS A 274 1.59 -19.28 -2.48
N VAL A 275 1.48 -20.61 -2.56
CA VAL A 275 2.60 -21.45 -2.18
C VAL A 275 3.80 -21.22 -3.09
N ALA A 276 3.57 -21.13 -4.41
CA ALA A 276 4.64 -20.96 -5.39
C ALA A 276 4.33 -19.82 -6.34
N PRO A 277 4.31 -18.57 -5.83
CA PRO A 277 4.02 -17.42 -6.70
C PRO A 277 5.15 -17.19 -7.69
N ASP A 278 6.38 -17.34 -7.22
CA ASP A 278 7.54 -17.17 -8.09
C ASP A 278 7.52 -18.19 -9.22
N THR A 279 7.22 -19.45 -8.90
CA THR A 279 7.13 -20.49 -9.91
C THR A 279 6.01 -20.21 -10.91
N PHE A 280 4.86 -19.81 -10.40
CA PHE A 280 3.73 -19.52 -11.29
C PHE A 280 4.08 -18.40 -12.25
N ILE A 281 4.67 -17.30 -11.75
CA ILE A 281 5.00 -16.19 -12.62
C ILE A 281 6.11 -16.59 -13.59
N LEU A 282 7.05 -17.43 -13.16
CA LEU A 282 8.14 -17.84 -14.03
C LEU A 282 7.63 -18.64 -15.23
N ASN A 283 6.71 -19.58 -15.01
CA ASN A 283 6.19 -20.26 -16.19
C ASN A 283 4.91 -19.68 -16.79
N VAL A 284 4.38 -18.57 -16.26
CA VAL A 284 3.34 -17.87 -17.01
C VAL A 284 3.98 -16.82 -17.91
N THR A 285 4.95 -16.08 -17.37
CA THR A 285 5.70 -15.11 -18.16
C THR A 285 7.05 -15.71 -18.57
N GLU A 286 7.00 -16.54 -19.61
CA GLU A 286 8.20 -17.21 -20.11
C GLU A 286 8.57 -16.80 -21.53
N GLY A 287 7.57 -16.50 -22.37
CA GLY A 287 7.85 -16.15 -23.74
C GLY A 287 8.00 -14.67 -23.98
N GLN A 288 7.08 -13.87 -23.42
CA GLN A 288 7.09 -12.44 -23.68
C GLN A 288 8.26 -11.73 -23.01
N ILE A 289 8.72 -12.23 -21.86
CA ILE A 289 9.79 -11.60 -21.10
C ILE A 289 10.87 -12.63 -20.83
N SER A 290 12.12 -12.22 -21.01
CA SER A 290 13.24 -13.13 -20.78
C SER A 290 13.31 -13.51 -19.30
N THR A 291 13.90 -14.68 -19.03
CA THR A 291 13.88 -15.22 -17.68
C THR A 291 14.78 -14.43 -16.74
N GLU A 292 15.91 -13.91 -17.22
CA GLU A 292 16.84 -13.24 -16.31
C GLU A 292 16.23 -11.98 -15.72
N VAL A 293 15.56 -11.17 -16.52
CA VAL A 293 14.95 -9.95 -15.99
C VAL A 293 13.73 -10.30 -15.14
N THR A 294 13.00 -11.36 -15.48
CA THR A 294 11.89 -11.78 -14.63
C THR A 294 12.38 -12.15 -13.25
N ARG A 295 13.46 -12.94 -13.17
CA ARG A 295 14.03 -13.27 -11.88
C ARG A 295 14.57 -12.04 -11.17
N TYR A 296 15.17 -11.12 -11.92
CA TYR A 296 15.70 -9.90 -11.31
C TYR A 296 14.60 -9.09 -10.64
N TYR A 297 13.46 -8.94 -11.31
CA TYR A 297 12.36 -8.19 -10.71
C TYR A 297 11.64 -8.99 -9.63
N LEU A 298 11.64 -10.32 -9.74
CA LEU A 298 10.95 -11.13 -8.75
C LEU A 298 11.72 -11.23 -7.44
N TYR A 299 13.05 -11.23 -7.50
CA TYR A 299 13.88 -11.41 -6.31
C TYR A 299 14.59 -10.15 -5.85
N CYS A 300 14.99 -9.29 -6.78
CA CYS A 300 15.63 -8.00 -6.48
C CYS A 300 16.83 -8.20 -5.56
N SER A 301 17.82 -8.94 -6.06
CA SER A 301 19.03 -9.17 -5.32
C SER A 301 19.90 -7.92 -5.33
N GLN A 302 20.35 -7.50 -4.14
CA GLN A 302 21.21 -6.33 -4.05
C GLN A 302 22.62 -6.62 -4.51
N SER A 303 23.08 -7.87 -4.36
CA SER A 303 24.43 -8.22 -4.78
C SER A 303 24.49 -8.55 -6.26
N GLY A 304 23.51 -9.30 -6.76
CA GLY A 304 23.45 -9.66 -8.17
C GLY A 304 23.37 -8.47 -9.08
N SER A 305 24.24 -8.43 -10.09
CA SER A 305 24.27 -7.33 -11.02
C SER A 305 22.97 -7.27 -11.83
N SER A 306 22.43 -6.07 -11.96
CA SER A 306 21.19 -5.91 -12.73
C SER A 306 21.47 -6.17 -14.21
N PRO A 307 20.53 -6.82 -14.91
CA PRO A 307 20.74 -7.09 -16.34
C PRO A 307 20.83 -5.83 -17.19
N PHE A 308 20.35 -4.69 -16.70
CA PHE A 308 20.39 -3.45 -17.45
C PHE A 308 21.63 -2.61 -17.15
N GLN A 309 22.52 -3.08 -16.27
CA GLN A 309 23.66 -2.29 -15.87
C GLN A 309 24.58 -1.98 -17.04
N GLN A 310 24.88 -2.99 -17.86
CA GLN A 310 25.81 -2.78 -18.96
C GLN A 310 25.25 -1.82 -20.00
N THR A 311 23.98 -1.97 -20.36
CA THR A 311 23.39 -1.09 -21.36
C THR A 311 23.24 0.32 -20.84
N LEU A 312 22.90 0.49 -19.55
CA LEU A 312 22.84 1.82 -18.98
C LEU A 312 24.21 2.46 -18.93
N THR A 313 25.24 1.68 -18.60
CA THR A 313 26.61 2.21 -18.62
C THR A 313 26.99 2.66 -20.02
N THR A 314 26.68 1.86 -21.03
CA THR A 314 27.00 2.25 -22.40
C THR A 314 26.27 3.52 -22.80
N PHE A 315 24.98 3.61 -22.45
CA PHE A 315 24.20 4.79 -22.79
C PHE A 315 24.80 6.04 -22.12
N GLN A 316 25.14 5.93 -20.84
CA GLN A 316 25.68 7.09 -20.13
C GLN A 316 27.05 7.49 -20.66
N ARG A 317 27.91 6.51 -21.00
CA ARG A 317 29.21 6.84 -21.56
C ARG A 317 29.06 7.54 -22.90
N ALA A 318 28.18 7.03 -23.75
CA ALA A 318 27.97 7.67 -25.05
C ALA A 318 27.42 9.08 -24.90
N LEU A 319 26.48 9.28 -23.97
CA LEU A 319 25.93 10.61 -23.76
C LEU A 319 27.00 11.59 -23.28
N THR A 320 27.83 11.16 -22.31
CA THR A 320 28.86 12.04 -21.80
C THR A 320 29.86 12.40 -22.88
N THR A 321 30.28 11.42 -23.68
CA THR A 321 31.23 11.72 -24.75
C THR A 321 30.61 12.66 -25.79
N MET A 322 29.33 12.43 -26.13
CA MET A 322 28.66 13.30 -27.09
C MET A 322 28.63 14.73 -26.58
N GLN A 323 28.29 14.93 -25.30
CA GLN A 323 28.33 16.27 -24.75
C GLN A 323 29.74 16.83 -24.74
N ILE A 324 30.75 15.97 -24.60
CA ILE A 324 32.13 16.44 -24.66
C ILE A 324 32.43 17.04 -26.04
N GLN A 325 32.10 16.31 -27.11
CA GLN A 325 32.32 16.87 -28.45
C GLN A 325 31.47 18.11 -28.68
N VAL A 326 30.22 18.13 -28.21
CA VAL A 326 29.37 19.29 -28.44
C VAL A 326 29.94 20.52 -27.73
N ALA A 327 30.41 20.35 -26.49
CA ALA A 327 31.01 21.46 -25.77
C ALA A 327 32.29 21.93 -26.46
N GLY A 328 33.10 20.99 -26.94
CA GLY A 328 34.28 21.37 -27.70
C GLY A 328 33.95 22.17 -28.94
N LEU A 329 32.88 21.77 -29.63
CA LEU A 329 32.42 22.52 -30.79
C LEU A 329 31.99 23.92 -30.39
N LEU A 330 31.23 24.04 -29.30
CA LEU A 330 30.78 25.36 -28.85
C LEU A 330 31.97 26.24 -28.47
N GLN A 331 33.03 25.63 -27.94
CA GLN A 331 34.18 26.41 -27.50
C GLN A 331 35.02 26.90 -28.68
N PHE A 332 35.04 26.16 -29.78
CA PHE A 332 35.91 26.47 -30.90
C PHE A 332 35.15 26.84 -32.17
N ALA A 333 34.17 26.04 -32.58
CA ALA A 333 33.46 26.32 -33.82
C ALA A 333 32.67 27.61 -33.74
N VAL A 334 32.01 27.87 -32.60
CA VAL A 334 31.20 29.08 -32.47
C VAL A 334 32.02 30.35 -32.60
N PRO A 335 33.15 30.51 -31.90
CA PRO A 335 33.95 31.74 -32.11
C PRO A 335 34.44 31.91 -33.54
N LEU A 336 34.71 30.82 -34.25
CA LEU A 336 35.29 30.95 -35.58
C LEU A 336 34.20 31.05 -36.64
N PHE A 337 33.30 30.07 -36.69
CA PHE A 337 32.24 30.08 -37.69
C PHE A 337 31.15 31.08 -37.31
N SER A 338 30.48 30.85 -36.18
CA SER A 338 29.39 31.69 -35.69
C SER A 338 28.24 31.81 -36.69
N THR A 339 28.20 30.95 -37.70
CA THR A 339 27.14 31.02 -38.70
C THR A 339 25.80 30.64 -38.10
N ALA A 340 25.77 29.55 -37.34
CA ALA A 340 24.56 29.09 -36.66
C ALA A 340 24.95 28.47 -35.33
N GLU A 341 24.47 29.05 -34.24
CA GLU A 341 24.70 28.52 -32.91
C GLU A 341 23.45 27.91 -32.28
N GLU A 342 22.26 28.34 -32.73
CA GLU A 342 21.03 27.80 -32.18
C GLU A 342 20.90 26.30 -32.45
N ASP A 343 21.55 25.81 -33.50
CA ASP A 343 21.56 24.37 -33.77
C ASP A 343 22.29 23.62 -32.66
N LEU A 344 23.50 24.06 -32.32
CA LEU A 344 24.25 23.41 -31.25
C LEU A 344 23.59 23.63 -29.91
N LEU A 345 22.98 24.80 -29.69
CA LEU A 345 22.23 25.01 -28.46
C LEU A 345 21.06 24.04 -28.35
N ALA A 346 20.37 23.80 -29.47
CA ALA A 346 19.29 22.82 -29.48
C ALA A 346 19.82 21.42 -29.20
N ILE A 347 21.00 21.09 -29.75
CA ILE A 347 21.62 19.81 -29.43
C ILE A 347 21.90 19.69 -27.95
N GLN A 348 22.38 20.78 -27.33
CA GLN A 348 22.65 20.74 -25.90
C GLN A 348 21.37 20.57 -25.09
N LEU A 349 20.29 21.28 -25.46
CA LEU A 349 19.00 21.04 -24.82
C LEU A 349 18.59 19.59 -24.96
N LEU A 350 18.74 19.03 -26.16
CA LEU A 350 18.34 17.66 -26.41
C LEU A 350 19.13 16.69 -25.53
N LEU A 351 20.43 16.90 -25.43
CA LEU A 351 21.27 15.99 -24.67
C LEU A 351 21.06 16.13 -23.17
N ASN A 352 20.84 17.35 -22.68
CA ASN A 352 20.48 17.50 -21.27
C ASN A 352 19.16 16.81 -20.95
N SER A 353 18.17 16.97 -21.83
CA SER A 353 16.90 16.27 -21.62
C SER A 353 17.08 14.77 -21.70
N SER A 354 17.97 14.30 -22.59
CA SER A 354 18.21 12.87 -22.70
C SER A 354 18.92 12.32 -21.46
N GLU A 355 19.79 13.11 -20.84
CA GLU A 355 20.41 12.64 -19.60
C GLU A 355 19.41 12.61 -18.45
N SER A 356 18.50 13.60 -18.41
CA SER A 356 17.41 13.52 -17.44
C SER A 356 16.56 12.29 -17.68
N SER A 357 16.28 11.97 -18.95
CA SER A 357 15.55 10.76 -19.28
C SER A 357 16.35 9.52 -18.88
N LEU A 358 17.67 9.57 -19.00
CA LEU A 358 18.51 8.47 -18.54
C LEU A 358 18.36 8.24 -17.05
N HIS A 359 18.40 9.31 -16.26
CA HIS A 359 18.24 9.16 -14.82
C HIS A 359 16.85 8.61 -14.49
N GLN A 360 15.82 9.11 -15.17
CA GLN A 360 14.48 8.57 -14.98
C GLN A 360 14.44 7.08 -15.33
N LEU A 361 15.06 6.70 -16.45
CA LEU A 361 15.03 5.30 -16.90
C LEU A 361 15.72 4.40 -15.89
N THR A 362 16.92 4.77 -15.46
CA THR A 362 17.62 3.92 -14.50
C THR A 362 16.94 3.93 -13.14
N ALA A 363 16.11 4.93 -12.86
CA ALA A 363 15.30 4.86 -11.65
C ALA A 363 14.11 3.90 -11.81
N MET A 364 13.47 3.91 -12.97
CA MET A 364 12.29 3.05 -13.17
C MET A 364 12.67 1.58 -13.28
N VAL A 365 13.75 1.28 -14.02
CA VAL A 365 14.10 -0.12 -14.28
C VAL A 365 14.70 -0.83 -13.09
N ASP A 366 14.87 -0.15 -11.96
CA ASP A 366 15.37 -0.81 -10.76
C ASP A 366 14.36 -1.84 -10.26
N CYS A 367 14.87 -2.90 -9.64
CA CYS A 367 14.00 -3.95 -9.14
C CYS A 367 13.22 -3.50 -7.91
N ARG A 368 13.60 -2.38 -7.30
CA ARG A 368 13.03 -2.00 -6.02
C ARG A 368 11.53 -1.71 -6.11
N GLY A 369 11.14 -0.85 -7.06
CA GLY A 369 9.74 -0.45 -7.15
C GLY A 369 8.82 -1.60 -7.51
N LEU A 370 9.21 -2.39 -8.52
CA LEU A 370 8.35 -3.48 -8.95
C LEU A 370 8.38 -4.64 -7.96
N HIS A 371 9.50 -4.85 -7.28
CA HIS A 371 9.53 -5.84 -6.21
C HIS A 371 8.60 -5.45 -5.08
N LYS A 372 8.58 -4.16 -4.72
CA LYS A 372 7.65 -3.69 -3.71
C LYS A 372 6.21 -3.88 -4.17
N ASP A 373 5.94 -3.61 -5.45
CA ASP A 373 4.60 -3.82 -5.99
C ASP A 373 4.19 -5.28 -5.91
N TYR A 374 5.11 -6.19 -6.27
CA TYR A 374 4.80 -7.60 -6.25
C TYR A 374 4.56 -8.10 -4.83
N LEU A 375 5.37 -7.62 -3.87
CA LEU A 375 5.13 -7.96 -2.47
C LEU A 375 3.80 -7.42 -1.99
N ASP A 376 3.45 -6.20 -2.39
CA ASP A 376 2.17 -5.64 -1.99
C ASP A 376 1.01 -6.46 -2.56
N ALA A 377 1.11 -6.88 -3.81
CA ALA A 377 0.08 -7.74 -4.40
C ALA A 377 -0.03 -9.06 -3.67
N LEU A 378 1.11 -9.68 -3.35
CA LEU A 378 1.08 -10.95 -2.62
C LEU A 378 0.42 -10.77 -1.26
N ALA A 379 0.82 -9.74 -0.52
CA ALA A 379 0.19 -9.48 0.78
C ALA A 379 -1.29 -9.17 0.62
N GLY A 380 -1.68 -8.57 -0.50
CA GLY A 380 -3.09 -8.31 -0.74
C GLY A 380 -3.90 -9.58 -0.91
N ILE A 381 -3.38 -10.53 -1.69
CA ILE A 381 -4.16 -11.73 -1.95
C ILE A 381 -3.81 -12.86 -0.99
N CYS A 382 -2.53 -13.04 -0.65
CA CYS A 382 -2.15 -14.15 0.23
C CYS A 382 -2.53 -13.88 1.67
N TYR A 383 -2.30 -12.66 2.17
CA TYR A 383 -2.51 -12.35 3.57
C TYR A 383 -3.91 -11.85 3.87
N ASP A 384 -4.39 -10.88 3.10
CA ASP A 384 -5.70 -10.29 3.36
C ASP A 384 -6.81 -11.02 2.60
N GLY A 385 -6.58 -11.32 1.32
CA GLY A 385 -7.62 -11.98 0.54
C GLY A 385 -7.97 -13.36 1.08
N LEU A 386 -6.97 -14.16 1.41
CA LEU A 386 -7.23 -15.51 1.91
C LEU A 386 -7.88 -15.47 3.29
N GLN A 387 -7.43 -14.56 4.15
CA GLN A 387 -8.06 -14.43 5.46
C GLN A 387 -9.52 -14.02 5.34
N GLY A 388 -9.80 -13.06 4.44
CA GLY A 388 -11.18 -12.67 4.21
C GLY A 388 -12.02 -13.81 3.65
N LEU A 389 -11.45 -14.59 2.74
CA LEU A 389 -12.19 -15.73 2.20
C LEU A 389 -12.48 -16.76 3.28
N LEU A 390 -11.51 -17.01 4.16
CA LEU A 390 -11.75 -17.93 5.27
C LEU A 390 -12.86 -17.42 6.19
N TYR A 391 -12.86 -16.11 6.46
CA TYR A 391 -13.92 -15.56 7.30
C TYR A 391 -15.27 -15.61 6.61
N LEU A 392 -15.31 -15.47 5.28
CA LEU A 392 -16.56 -15.63 4.56
C LEU A 392 -17.04 -17.07 4.58
N GLY A 393 -16.12 -18.03 4.50
CA GLY A 393 -16.51 -19.42 4.68
C GLY A 393 -17.06 -19.69 6.07
N LEU A 394 -16.46 -19.06 7.09
CA LEU A 394 -17.00 -19.16 8.44
C LEU A 394 -18.39 -18.55 8.51
N PHE A 395 -18.60 -17.41 7.84
CA PHE A 395 -19.95 -16.86 7.70
C PHE A 395 -20.91 -17.89 7.13
N SER A 396 -20.53 -18.53 6.03
CA SER A 396 -21.44 -19.47 5.37
C SER A 396 -21.79 -20.62 6.29
N PHE A 397 -20.78 -21.20 6.96
CA PHE A 397 -21.03 -22.33 7.84
C PHE A 397 -21.90 -21.93 9.02
N LEU A 398 -21.58 -20.79 9.65
CA LEU A 398 -22.35 -20.35 10.81
C LEU A 398 -23.80 -20.03 10.43
N ALA A 399 -24.00 -19.37 9.29
CA ALA A 399 -25.36 -19.07 8.86
C ALA A 399 -26.13 -20.34 8.55
N ALA A 400 -25.48 -21.32 7.92
CA ALA A 400 -26.14 -22.59 7.65
C ALA A 400 -26.55 -23.27 8.94
N LEU A 401 -25.65 -23.31 9.92
CA LEU A 401 -25.98 -23.94 11.19
C LEU A 401 -27.11 -23.20 11.90
N ALA A 402 -27.06 -21.86 11.89
CA ALA A 402 -28.09 -21.07 12.57
C ALA A 402 -29.45 -21.29 11.92
N PHE A 403 -29.51 -21.29 10.59
CA PHE A 403 -30.78 -21.48 9.92
C PHE A 403 -31.30 -22.90 10.08
N SER A 404 -30.41 -23.90 10.09
CA SER A 404 -30.85 -25.26 10.36
C SER A 404 -31.43 -25.39 11.76
N THR A 405 -30.77 -24.76 12.75
CA THR A 405 -31.29 -24.81 14.12
C THR A 405 -32.62 -24.08 14.23
N MET A 406 -32.76 -22.95 13.54
CA MET A 406 -34.03 -22.23 13.55
C MET A 406 -35.13 -23.07 12.91
N ILE A 407 -34.82 -23.76 11.81
CA ILE A 407 -35.84 -24.54 11.11
C ILE A 407 -36.25 -25.74 11.95
N CYS A 408 -35.29 -26.47 12.51
CA CYS A 408 -35.64 -27.64 13.31
C CYS A 408 -36.36 -27.27 14.60
N ALA A 409 -36.20 -26.03 15.07
CA ALA A 409 -36.97 -25.53 16.20
C ALA A 409 -38.34 -25.02 15.80
N GLY A 410 -38.59 -24.87 14.49
CA GLY A 410 -39.88 -24.44 13.98
C GLY A 410 -41.06 -25.32 14.30
N PRO A 411 -40.93 -26.65 14.19
CA PRO A 411 -42.08 -27.52 14.50
C PRO A 411 -42.70 -27.28 15.87
N ARG A 412 -41.89 -27.02 16.89
CA ARG A 412 -42.44 -26.61 18.18
C ARG A 412 -42.56 -25.11 18.31
N ALA A 413 -42.03 -24.34 17.35
CA ALA A 413 -42.20 -22.89 17.39
C ALA A 413 -43.60 -22.48 16.97
N TRP A 414 -44.17 -23.16 15.96
CA TRP A 414 -45.48 -22.78 15.46
C TRP A 414 -46.62 -23.42 16.24
N LYS A 415 -46.33 -24.09 17.36
CA LYS A 415 -47.40 -24.63 18.18
C LYS A 415 -48.26 -23.52 18.77
N HIS A 416 -47.73 -22.30 18.87
CA HIS A 416 -48.43 -21.14 19.41
C HIS A 416 -48.97 -21.41 20.82
N VAL B 6 -1.07 9.29 -10.17
CA VAL B 6 -1.87 9.60 -8.99
C VAL B 6 -1.49 10.97 -8.45
N ASP B 7 -2.43 11.63 -7.77
CA ASP B 7 -2.18 12.92 -7.15
C ASP B 7 -3.11 13.07 -5.96
N TYR B 8 -2.77 14.00 -5.07
CA TYR B 8 -3.55 14.24 -3.85
C TYR B 8 -4.50 15.40 -4.08
N ILE B 9 -5.78 15.16 -3.85
CA ILE B 9 -6.81 16.20 -3.87
C ILE B 9 -7.60 16.10 -2.57
N ALA B 10 -7.99 17.25 -2.03
CA ALA B 10 -8.66 17.28 -0.75
C ALA B 10 -10.07 16.71 -0.88
N PRO B 11 -10.43 15.67 -0.13
CA PRO B 11 -11.80 15.16 -0.18
C PRO B 11 -12.77 16.12 0.49
N TRP B 12 -14.07 15.85 0.28
CA TRP B 12 -15.09 16.75 0.78
C TRP B 12 -15.12 16.78 2.31
N TRP B 13 -14.93 15.63 2.95
CA TRP B 13 -15.01 15.60 4.41
C TRP B 13 -13.88 16.43 5.04
N VAL B 14 -12.67 16.37 4.48
CA VAL B 14 -11.55 17.12 5.03
C VAL B 14 -11.84 18.62 4.97
N VAL B 15 -12.23 19.11 3.79
CA VAL B 15 -12.47 20.54 3.62
C VAL B 15 -13.67 20.99 4.44
N TRP B 16 -14.69 20.14 4.58
CA TRP B 16 -15.84 20.52 5.39
C TRP B 16 -15.49 20.60 6.87
N LEU B 17 -14.71 19.63 7.38
CA LEU B 17 -14.31 19.68 8.78
C LEU B 17 -13.30 20.79 9.05
N HIS B 18 -12.55 21.22 8.04
CA HIS B 18 -11.69 22.37 8.22
C HIS B 18 -12.49 23.63 8.50
N SER B 19 -13.71 23.71 7.95
CA SER B 19 -14.57 24.87 8.16
C SER B 19 -15.10 24.97 9.58
N VAL B 20 -14.93 23.94 10.40
CA VAL B 20 -15.42 24.01 11.78
C VAL B 20 -14.70 25.12 12.52
N PRO B 21 -15.40 26.06 13.15
CA PRO B 21 -14.73 27.19 13.79
C PRO B 21 -13.90 26.76 14.99
N HIS B 22 -12.83 27.50 15.22
CA HIS B 22 -11.97 27.31 16.38
C HIS B 22 -11.94 28.61 17.17
N VAL B 23 -12.25 28.52 18.47
CA VAL B 23 -12.40 29.73 19.28
C VAL B 23 -11.56 29.63 20.54
N GLY B 24 -11.10 28.44 20.87
CA GLY B 24 -10.29 28.30 22.07
C GLY B 24 -11.10 28.41 23.35
N LEU B 25 -10.38 28.51 24.46
CA LEU B 25 -11.02 28.52 25.77
C LEU B 25 -11.83 29.80 25.99
N ARG B 26 -11.27 30.94 25.62
CA ARG B 26 -11.92 32.23 25.85
C ARG B 26 -12.76 32.70 24.67
N LEU B 27 -13.00 31.81 23.71
CA LEU B 27 -13.88 32.09 22.56
C LEU B 27 -13.39 33.29 21.75
N GLN B 28 -12.20 33.13 21.16
CA GLN B 28 -11.66 34.12 20.25
C GLN B 28 -11.16 33.43 19.00
N PRO B 29 -11.31 34.06 17.83
CA PRO B 29 -10.81 33.45 16.60
C PRO B 29 -9.32 33.20 16.66
N VAL B 30 -8.89 32.05 16.16
CA VAL B 30 -7.49 31.66 16.17
C VAL B 30 -7.10 31.23 14.76
N ASN B 31 -5.80 31.19 14.52
CA ASN B 31 -5.28 30.73 13.23
C ASN B 31 -5.65 29.27 13.03
N SER B 32 -6.39 28.99 11.96
CA SER B 32 -6.93 27.65 11.75
C SER B 32 -5.86 26.67 11.28
N THR B 33 -4.76 27.16 10.73
CA THR B 33 -3.77 26.28 10.12
C THR B 33 -3.17 25.34 11.15
N PHE B 34 -2.85 24.12 10.71
CA PHE B 34 -2.29 23.11 11.59
C PHE B 34 -0.95 23.57 12.14
N SER B 35 -0.84 23.58 13.47
CA SER B 35 0.38 24.00 14.13
C SER B 35 0.43 23.49 15.56
N PRO B 36 0.70 22.20 15.77
CA PRO B 36 0.90 21.72 17.15
C PRO B 36 2.09 22.43 17.78
N GLY B 37 1.99 22.65 19.09
CA GLY B 37 2.98 23.40 19.82
C GLY B 37 2.62 24.86 20.03
N ASP B 38 1.60 25.35 19.33
CA ASP B 38 1.08 26.69 19.55
C ASP B 38 -0.01 26.61 20.60
N GLU B 39 0.18 27.30 21.73
CA GLU B 39 -0.72 27.15 22.87
C GLU B 39 -2.16 27.46 22.50
N SER B 40 -2.39 28.33 21.53
CA SER B 40 -3.75 28.60 21.09
C SER B 40 -4.37 27.39 20.41
N TYR B 41 -3.57 26.60 19.69
CA TYR B 41 -4.13 25.48 18.94
C TYR B 41 -4.63 24.38 19.88
N GLN B 42 -3.85 24.03 20.91
CA GLN B 42 -4.29 23.02 21.86
C GLN B 42 -5.56 23.46 22.57
N GLU B 43 -5.66 24.74 22.92
CA GLU B 43 -6.88 25.24 23.55
C GLU B 43 -8.06 25.12 22.60
N SER B 44 -7.85 25.38 21.32
CA SER B 44 -8.93 25.22 20.35
C SER B 44 -9.39 23.78 20.28
N LEU B 45 -8.45 22.83 20.26
CA LEU B 45 -8.82 21.42 20.30
C LEU B 45 -9.42 21.05 21.64
N LEU B 46 -8.93 21.67 22.72
CA LEU B 46 -9.51 21.42 24.04
C LEU B 46 -10.94 21.93 24.12
N PHE B 47 -11.26 23.00 23.39
CA PHE B 47 -12.62 23.52 23.39
C PHE B 47 -13.60 22.51 22.81
N LEU B 48 -13.21 21.82 21.73
CA LEU B 48 -14.10 20.84 21.12
C LEU B 48 -14.42 19.71 22.10
N GLY B 49 -13.44 19.28 22.88
CA GLY B 49 -13.71 18.29 23.91
C GLY B 49 -14.68 18.80 24.95
N LEU B 50 -14.57 20.09 25.31
CA LEU B 50 -15.48 20.65 26.29
C LEU B 50 -16.90 20.74 25.76
N VAL B 51 -17.07 20.93 24.46
CA VAL B 51 -18.41 20.98 23.88
C VAL B 51 -19.13 19.65 24.10
N ALA B 52 -18.43 18.54 23.85
CA ALA B 52 -19.03 17.23 24.11
C ALA B 52 -19.17 16.98 25.60
N ALA B 53 -18.21 17.44 26.41
CA ALA B 53 -18.29 17.27 27.85
C ALA B 53 -19.50 17.98 28.43
N VAL B 54 -19.75 19.22 27.98
CA VAL B 54 -20.96 19.92 28.39
C VAL B 54 -22.19 19.23 27.83
N CYS B 55 -22.10 18.73 26.60
CA CYS B 55 -23.21 17.96 26.04
C CYS B 55 -23.50 16.71 26.85
N LEU B 56 -22.46 16.10 27.43
CA LEU B 56 -22.69 15.01 28.37
C LEU B 56 -23.43 15.50 29.60
N GLY B 57 -23.04 16.66 30.13
CA GLY B 57 -23.73 17.21 31.27
C GLY B 57 -25.19 17.50 30.99
N LEU B 58 -25.47 18.06 29.81
CA LEU B 58 -26.86 18.29 29.41
C LEU B 58 -27.61 16.97 29.26
N ASN B 59 -26.95 15.97 28.67
CA ASN B 59 -27.59 14.66 28.50
C ASN B 59 -27.83 13.99 29.84
N LEU B 60 -26.86 14.09 30.76
CA LEU B 60 -27.02 13.43 32.06
C LEU B 60 -28.19 14.03 32.83
N ILE B 61 -28.34 15.35 32.81
CA ILE B 61 -29.47 15.98 33.47
C ILE B 61 -30.77 15.58 32.79
N PHE B 62 -30.76 15.48 31.47
CA PHE B 62 -31.97 15.14 30.72
C PHE B 62 -32.49 13.76 31.11
N LEU B 63 -31.60 12.77 31.19
CA LEU B 63 -32.04 11.42 31.53
C LEU B 63 -32.40 11.29 33.00
N VAL B 64 -31.67 11.97 33.88
CA VAL B 64 -31.99 11.93 35.31
C VAL B 64 -33.35 12.56 35.56
N ALA B 65 -33.63 13.71 34.93
CA ALA B 65 -34.91 14.36 35.12
C ALA B 65 -36.06 13.49 34.66
N TYR B 66 -35.86 12.71 33.59
CA TYR B 66 -36.91 11.80 33.14
C TYR B 66 -37.21 10.73 34.19
N LEU B 67 -36.18 10.22 34.85
CA LEU B 67 -36.38 9.28 35.96
C LEU B 67 -36.97 9.96 37.19
N VAL B 68 -36.94 11.28 37.26
CA VAL B 68 -37.50 12.00 38.40
C VAL B 68 -38.95 12.41 38.14
N CYS B 69 -39.26 12.83 36.91
CA CYS B 69 -40.62 13.24 36.58
C CYS B 69 -41.61 12.10 36.72
N ALA B 70 -41.15 10.85 36.70
CA ALA B 70 -42.02 9.70 36.88
C ALA B 70 -42.47 9.59 38.34
N CYS B 88 -46.09 -1.11 25.15
CA CYS B 88 -45.26 -0.40 24.18
C CYS B 88 -43.82 -0.26 24.68
N ILE B 89 -43.62 -0.51 25.97
CA ILE B 89 -42.28 -0.39 26.55
C ILE B 89 -41.34 -1.43 25.95
N THR B 90 -41.87 -2.63 25.65
CA THR B 90 -41.03 -3.64 25.02
C THR B 90 -40.60 -3.22 23.63
N TRP B 91 -41.44 -2.46 22.91
CA TRP B 91 -41.03 -1.93 21.61
C TRP B 91 -39.87 -0.95 21.76
N THR B 92 -39.93 -0.08 22.77
CA THR B 92 -38.83 0.84 23.01
C THR B 92 -37.56 0.08 23.39
N ALA B 93 -37.68 -0.96 24.22
CA ALA B 93 -36.51 -1.76 24.58
C ALA B 93 -35.91 -2.45 23.36
N VAL B 94 -36.76 -2.99 22.48
CA VAL B 94 -36.26 -3.65 21.28
C VAL B 94 -35.60 -2.65 20.34
N VAL B 95 -36.17 -1.45 20.23
CA VAL B 95 -35.56 -0.41 19.42
C VAL B 95 -34.20 -0.03 19.98
N ALA B 96 -34.10 0.11 21.30
CA ALA B 96 -32.82 0.42 21.92
C ALA B 96 -31.80 -0.67 21.66
N GLY B 97 -32.21 -1.93 21.77
CA GLY B 97 -31.29 -3.03 21.48
C GLY B 97 -30.83 -3.05 20.03
N LEU B 98 -31.76 -2.78 19.10
CA LEU B 98 -31.40 -2.72 17.68
C LEU B 98 -30.42 -1.58 17.42
N ILE B 99 -30.66 -0.42 18.02
CA ILE B 99 -29.75 0.71 17.84
C ILE B 99 -28.38 0.39 18.44
N CYS B 100 -28.36 -0.29 19.58
CA CYS B 100 -27.09 -0.68 20.19
C CYS B 100 -26.32 -1.64 19.28
N CYS B 101 -27.01 -2.63 18.69
CA CYS B 101 -26.34 -3.56 17.80
C CYS B 101 -25.81 -2.86 16.55
N ALA B 102 -26.61 -1.98 15.96
CA ALA B 102 -26.14 -1.24 14.79
C ALA B 102 -24.95 -0.37 15.16
N ALA B 103 -24.99 0.28 16.33
CA ALA B 103 -23.90 1.13 16.76
C ALA B 103 -22.62 0.33 16.95
N VAL B 104 -22.71 -0.84 17.59
CA VAL B 104 -21.48 -1.60 17.82
C VAL B 104 -20.94 -2.16 16.50
N GLY B 105 -21.82 -2.50 15.56
CA GLY B 105 -21.32 -2.89 14.24
C GLY B 105 -20.59 -1.78 13.54
N VAL B 106 -21.17 -0.57 13.54
CA VAL B 106 -20.51 0.58 12.93
C VAL B 106 -19.19 0.86 13.64
N GLY B 107 -19.17 0.67 14.96
CA GLY B 107 -17.93 0.90 15.70
C GLY B 107 -16.85 -0.09 15.35
N PHE B 108 -17.22 -1.36 15.16
CA PHE B 108 -16.24 -2.35 14.70
C PHE B 108 -15.69 -1.97 13.34
N TYR B 109 -16.57 -1.55 12.42
CA TYR B 109 -16.12 -1.13 11.10
C TYR B 109 -15.17 0.06 11.18
N GLY B 110 -15.52 1.06 12.00
CA GLY B 110 -14.69 2.24 12.12
C GLY B 110 -13.35 1.95 12.77
N ASN B 111 -13.34 1.09 13.79
CA ASN B 111 -12.08 0.72 14.42
C ASN B 111 -11.18 -0.03 13.45
N SER B 112 -11.75 -0.95 12.67
CA SER B 112 -10.95 -1.64 11.66
C SER B 112 -10.39 -0.66 10.64
N GLU B 113 -11.20 0.31 10.21
CA GLU B 113 -10.72 1.27 9.21
C GLU B 113 -9.62 2.17 9.78
N THR B 114 -9.77 2.62 11.03
CA THR B 114 -8.71 3.41 11.65
C THR B 114 -7.43 2.60 11.80
N ASN B 115 -7.55 1.33 12.16
CA ASN B 115 -6.38 0.47 12.25
C ASN B 115 -5.70 0.33 10.90
N ASP B 116 -6.50 0.17 9.83
CA ASP B 116 -5.92 0.10 8.50
C ASP B 116 -5.19 1.38 8.12
N GLY B 117 -5.78 2.54 8.45
CA GLY B 117 -5.13 3.79 8.15
C GLY B 117 -3.82 3.96 8.91
N ALA B 118 -3.82 3.61 10.19
CA ALA B 118 -2.60 3.71 10.98
C ALA B 118 -1.54 2.75 10.46
N TYR B 119 -1.94 1.54 10.06
CA TYR B 119 -0.97 0.60 9.49
C TYR B 119 -0.42 1.11 8.16
N GLN B 120 -1.27 1.76 7.35
CA GLN B 120 -0.77 2.38 6.12
C GLN B 120 0.27 3.44 6.42
N LEU B 121 0.00 4.29 7.42
CA LEU B 121 0.99 5.28 7.80
C LEU B 121 2.28 4.62 8.30
N MET B 122 2.16 3.56 9.09
CA MET B 122 3.34 2.85 9.58
C MET B 122 4.17 2.31 8.44
N TYR B 123 3.52 1.67 7.46
CA TYR B 123 4.24 1.08 6.34
C TYR B 123 4.88 2.15 5.47
N SER B 124 4.18 3.26 5.25
CA SER B 124 4.76 4.34 4.46
C SER B 124 5.99 4.91 5.14
N LEU B 125 5.91 5.12 6.46
CA LEU B 125 7.06 5.63 7.20
C LEU B 125 8.21 4.63 7.20
N ASP B 126 7.89 3.34 7.31
CA ASP B 126 8.94 2.31 7.27
C ASP B 126 9.63 2.29 5.91
N ASP B 127 8.86 2.40 4.83
CA ASP B 127 9.46 2.41 3.51
C ASP B 127 10.33 3.65 3.31
N ALA B 128 9.86 4.81 3.77
CA ALA B 128 10.67 6.01 3.68
C ALA B 128 11.96 5.88 4.50
N ASN B 129 11.86 5.30 5.69
CA ASN B 129 13.04 5.07 6.52
C ASN B 129 14.02 4.15 5.82
N HIS B 130 13.51 3.07 5.20
CA HIS B 130 14.40 2.15 4.51
C HIS B 130 15.07 2.82 3.32
N THR B 131 14.33 3.65 2.58
CA THR B 131 14.93 4.34 1.44
C THR B 131 16.01 5.32 1.89
N PHE B 132 15.74 6.09 2.95
CA PHE B 132 16.74 7.03 3.45
C PHE B 132 17.97 6.30 3.98
N SER B 133 17.75 5.19 4.69
CA SER B 133 18.86 4.39 5.18
C SER B 133 19.68 3.84 4.02
N GLY B 134 19.01 3.41 2.95
CA GLY B 134 19.73 2.92 1.79
C GLY B 134 20.57 3.99 1.14
N ILE B 135 20.01 5.19 0.98
CA ILE B 135 20.78 6.29 0.39
C ILE B 135 21.99 6.61 1.26
N ASP B 136 21.78 6.71 2.57
CA ASP B 136 22.87 7.05 3.48
C ASP B 136 23.95 5.98 3.45
N ALA B 137 23.54 4.70 3.49
CA ALA B 137 24.51 3.61 3.45
C ALA B 137 25.28 3.59 2.14
N LEU B 138 24.60 3.83 1.02
CA LEU B 138 25.29 3.84 -0.26
C LEU B 138 26.31 4.96 -0.31
N VAL B 139 25.92 6.17 0.10
CA VAL B 139 26.86 7.29 0.07
C VAL B 139 28.05 7.03 0.99
N SER B 140 27.78 6.57 2.21
CA SER B 140 28.84 6.35 3.18
C SER B 140 29.80 5.26 2.71
N GLY B 141 29.25 4.13 2.25
CA GLY B 141 30.10 3.06 1.76
C GLY B 141 30.91 3.48 0.55
N THR B 142 30.28 4.20 -0.38
CA THR B 142 31.00 4.63 -1.57
C THR B 142 32.16 5.55 -1.21
N THR B 143 31.91 6.55 -0.36
CA THR B 143 32.98 7.48 -0.03
C THR B 143 34.07 6.80 0.80
N GLN B 144 33.70 5.94 1.75
CA GLN B 144 34.70 5.24 2.55
C GLN B 144 35.56 4.34 1.68
N LYS B 145 34.94 3.61 0.76
CA LYS B 145 35.70 2.75 -0.13
C LYS B 145 36.61 3.57 -1.04
N MET B 146 36.05 4.56 -1.73
CA MET B 146 36.81 5.36 -2.68
C MET B 146 37.95 6.10 -2.01
N LYS B 147 37.84 6.39 -0.72
CA LYS B 147 38.99 6.97 -0.02
C LYS B 147 39.97 5.88 0.40
N VAL B 148 39.54 4.99 1.29
CA VAL B 148 40.47 4.10 1.98
C VAL B 148 41.05 3.08 1.01
N ASP B 149 40.19 2.30 0.33
CA ASP B 149 40.70 1.19 -0.47
C ASP B 149 41.50 1.69 -1.66
N LEU B 150 41.01 2.76 -2.30
CA LEU B 150 41.73 3.31 -3.44
C LEU B 150 43.08 3.89 -3.02
N GLU B 151 43.12 4.61 -1.89
CA GLU B 151 44.40 5.12 -1.40
C GLU B 151 45.36 3.99 -1.09
N GLN B 152 44.86 2.93 -0.44
CA GLN B 152 45.71 1.80 -0.08
C GLN B 152 46.29 1.14 -1.33
N HIS B 153 45.44 0.86 -2.32
CA HIS B 153 45.93 0.17 -3.50
C HIS B 153 46.90 1.04 -4.29
N LEU B 154 46.60 2.34 -4.43
CA LEU B 154 47.51 3.23 -5.14
C LEU B 154 48.84 3.35 -4.43
N ALA B 155 48.82 3.42 -3.09
CA ALA B 155 50.07 3.45 -2.34
C ALA B 155 50.86 2.16 -2.52
N ARG B 156 50.16 1.02 -2.55
CA ARG B 156 50.85 -0.25 -2.73
C ARG B 156 51.50 -0.34 -4.11
N LEU B 157 50.83 0.16 -5.14
CA LEU B 157 51.37 0.04 -6.50
C LEU B 157 52.22 1.24 -6.91
N SER B 158 52.36 2.26 -6.06
CA SER B 158 53.16 3.42 -6.43
C SER B 158 54.63 3.07 -6.63
N GLU B 159 55.20 2.30 -5.69
CA GLU B 159 56.63 1.98 -5.79
C GLU B 159 56.91 1.10 -7.00
N ILE B 160 55.94 0.31 -7.43
CA ILE B 160 56.12 -0.47 -8.66
C ILE B 160 56.25 0.44 -9.86
N PHE B 161 55.43 1.50 -9.92
CA PHE B 161 55.45 2.45 -11.00
C PHE B 161 56.41 3.61 -10.74
N ALA B 162 57.16 3.57 -9.64
CA ALA B 162 58.06 4.67 -9.31
C ALA B 162 59.17 4.82 -10.35
N ALA B 163 59.53 3.74 -11.03
CA ALA B 163 60.59 3.83 -12.04
C ALA B 163 60.15 4.65 -13.24
N ARG B 164 58.85 4.64 -13.54
CA ARG B 164 58.33 5.23 -14.77
C ARG B 164 57.45 6.44 -14.42
N GLY B 165 57.85 7.62 -14.93
CA GLY B 165 57.12 8.83 -14.61
C GLY B 165 55.72 8.88 -15.19
N ASP B 166 55.58 8.45 -16.44
CA ASP B 166 54.23 8.24 -16.96
C ASP B 166 53.66 6.96 -16.36
N TYR B 167 52.32 6.92 -16.34
CA TYR B 167 51.46 6.04 -15.55
C TYR B 167 51.46 6.52 -14.10
N LEU B 168 52.49 7.28 -13.74
CA LEU B 168 52.58 7.82 -12.39
C LEU B 168 51.98 9.22 -12.32
N GLN B 169 52.06 9.98 -13.41
CA GLN B 169 51.21 11.14 -13.54
C GLN B 169 49.73 10.73 -13.57
N THR B 170 49.44 9.61 -14.25
CA THR B 170 48.06 9.14 -14.33
C THR B 170 47.54 8.68 -12.97
N LEU B 171 48.40 8.10 -12.13
CA LEU B 171 47.98 7.77 -10.77
C LEU B 171 47.53 9.02 -10.01
N LYS B 172 48.30 10.12 -10.13
CA LYS B 172 47.90 11.36 -9.47
C LYS B 172 46.61 11.90 -10.07
N PHE B 173 46.43 11.75 -11.38
CA PHE B 173 45.18 12.15 -12.02
C PHE B 173 44.00 11.39 -11.42
N ILE B 174 44.14 10.07 -11.27
CA ILE B 174 43.09 9.25 -10.67
C ILE B 174 42.82 9.69 -9.24
N GLN B 175 43.89 9.98 -8.49
CA GLN B 175 43.72 10.39 -7.09
C GLN B 175 42.95 11.71 -7.00
N GLN B 176 43.32 12.69 -7.82
CA GLN B 176 42.64 13.98 -7.76
C GLN B 176 41.17 13.84 -8.18
N MET B 177 40.88 13.00 -9.17
CA MET B 177 39.48 12.87 -9.57
C MET B 177 38.70 12.04 -8.57
N ALA B 178 39.36 11.13 -7.85
CA ALA B 178 38.69 10.46 -6.73
C ALA B 178 38.34 11.45 -5.63
N GLY B 179 39.25 12.39 -5.35
CA GLY B 179 38.91 13.46 -4.44
C GLY B 179 37.73 14.27 -4.93
N SER B 180 37.66 14.52 -6.24
CA SER B 180 36.51 15.21 -6.81
C SER B 180 35.23 14.40 -6.60
N VAL B 181 35.29 13.08 -6.78
CA VAL B 181 34.13 12.23 -6.56
C VAL B 181 33.67 12.31 -5.11
N VAL B 182 34.62 12.26 -4.17
CA VAL B 182 34.26 12.34 -2.76
C VAL B 182 33.65 13.70 -2.44
N VAL B 183 34.19 14.77 -3.01
CA VAL B 183 33.62 16.10 -2.79
C VAL B 183 32.18 16.16 -3.32
N GLN B 184 31.96 15.63 -4.52
CA GLN B 184 30.62 15.64 -5.10
C GLN B 184 29.65 14.81 -4.27
N LEU B 185 30.07 13.64 -3.79
CA LEU B 185 29.20 12.79 -3.00
C LEU B 185 28.89 13.43 -1.65
N SER B 186 29.85 14.11 -1.05
CA SER B 186 29.60 14.78 0.22
C SER B 186 28.54 15.87 0.10
N GLY B 187 28.30 16.38 -1.11
CA GLY B 187 27.25 17.37 -1.31
C GLY B 187 25.85 16.82 -1.15
N LEU B 188 25.69 15.50 -1.25
CA LEU B 188 24.38 14.90 -1.06
C LEU B 188 23.92 15.10 0.39
N PRO B 189 22.64 15.34 0.63
CA PRO B 189 22.17 15.57 2.00
C PRO B 189 22.36 14.34 2.87
N VAL B 190 22.58 14.59 4.16
CA VAL B 190 22.70 13.53 5.15
C VAL B 190 21.34 13.33 5.80
N TRP B 191 20.85 12.09 5.76
CA TRP B 191 19.53 11.75 6.26
C TRP B 191 19.58 11.03 7.61
N ARG B 192 20.61 11.29 8.42
CA ARG B 192 20.72 10.63 9.70
C ARG B 192 19.64 11.10 10.68
N GLU B 193 19.43 12.41 10.77
CA GLU B 193 18.40 12.93 11.67
C GLU B 193 17.01 12.52 11.21
N VAL B 194 16.77 12.56 9.90
CA VAL B 194 15.45 12.20 9.37
C VAL B 194 15.13 10.75 9.68
N THR B 195 16.13 9.87 9.59
CA THR B 195 15.94 8.46 9.94
C THR B 195 15.50 8.31 11.39
N MET B 196 16.17 9.01 12.30
CA MET B 196 15.82 8.93 13.72
C MET B 196 14.42 9.45 13.97
N GLU B 197 14.07 10.59 13.36
CA GLU B 197 12.73 11.14 13.53
C GLU B 197 11.68 10.16 13.04
N LEU B 198 11.89 9.59 11.85
CA LEU B 198 10.91 8.68 11.28
C LEU B 198 10.74 7.43 12.15
N THR B 199 11.85 6.85 12.60
CA THR B 199 11.74 5.62 13.38
C THR B 199 11.11 5.88 14.75
N LYS B 200 11.45 6.99 15.40
CA LYS B 200 10.85 7.27 16.70
C LYS B 200 9.36 7.58 16.56
N LEU B 201 8.98 8.29 15.49
CA LEU B 201 7.56 8.60 15.32
C LEU B 201 6.79 7.33 14.97
N SER B 202 7.41 6.42 14.22
CA SER B 202 6.77 5.13 13.94
C SER B 202 6.58 4.32 15.22
N ASP B 203 7.58 4.31 16.10
CA ASP B 203 7.41 3.59 17.37
C ASP B 203 6.30 4.23 18.22
N GLN B 204 6.27 5.56 18.26
CA GLN B 204 5.23 6.26 19.03
C GLN B 204 3.85 5.94 18.49
N THR B 205 3.69 5.98 17.17
CA THR B 205 2.37 5.68 16.60
C THR B 205 2.02 4.21 16.77
N GLY B 206 3.02 3.33 16.82
CA GLY B 206 2.73 1.93 17.13
C GLY B 206 2.15 1.76 18.52
N TYR B 207 2.80 2.38 19.51
CA TYR B 207 2.28 2.34 20.87
C TYR B 207 0.85 2.87 20.93
N VAL B 208 0.66 4.07 20.37
CA VAL B 208 -0.64 4.74 20.46
C VAL B 208 -1.71 3.92 19.77
N GLU B 209 -1.43 3.40 18.57
CA GLU B 209 -2.42 2.64 17.83
C GLU B 209 -2.77 1.34 18.54
N TYR B 210 -1.78 0.62 19.05
CA TYR B 210 -2.08 -0.61 19.78
C TYR B 210 -2.99 -0.33 20.97
N TYR B 211 -2.65 0.66 21.77
CA TYR B 211 -3.45 0.95 22.95
C TYR B 211 -4.86 1.41 22.57
N ARG B 212 -4.98 2.26 21.55
CA ARG B 212 -6.27 2.78 21.14
C ARG B 212 -7.16 1.66 20.60
N TRP B 213 -6.61 0.78 19.76
CA TRP B 213 -7.40 -0.31 19.20
C TRP B 213 -7.85 -1.26 20.30
N LEU B 214 -6.97 -1.57 21.26
CA LEU B 214 -7.36 -2.40 22.37
C LEU B 214 -8.49 -1.76 23.18
N SER B 215 -8.38 -0.44 23.42
CA SER B 215 -9.39 0.25 24.21
C SER B 215 -10.76 0.21 23.52
N TYR B 216 -10.79 0.50 22.22
CA TYR B 216 -12.08 0.46 21.54
C TYR B 216 -12.63 -0.96 21.40
N LEU B 217 -11.76 -1.96 21.23
CA LEU B 217 -12.25 -3.34 21.21
C LEU B 217 -12.88 -3.71 22.56
N LEU B 218 -12.24 -3.31 23.65
CA LEU B 218 -12.81 -3.56 24.97
C LEU B 218 -14.14 -2.83 25.14
N LEU B 219 -14.22 -1.59 24.66
CA LEU B 219 -15.48 -0.86 24.75
C LEU B 219 -16.59 -1.56 23.99
N PHE B 220 -16.29 -2.06 22.78
CA PHE B 220 -17.29 -2.78 22.00
C PHE B 220 -17.74 -4.04 22.72
N ILE B 221 -16.78 -4.79 23.28
CA ILE B 221 -17.12 -6.03 23.99
C ILE B 221 -18.01 -5.72 25.19
N LEU B 222 -17.67 -4.69 25.96
CA LEU B 222 -18.48 -4.31 27.10
C LEU B 222 -19.87 -3.88 26.67
N ASP B 223 -19.98 -3.14 25.57
CA ASP B 223 -21.30 -2.74 25.08
C ASP B 223 -22.14 -3.96 24.71
N LEU B 224 -21.52 -4.94 24.04
CA LEU B 224 -22.26 -6.15 23.70
C LEU B 224 -22.70 -6.91 24.94
N VAL B 225 -21.81 -7.00 25.95
CA VAL B 225 -22.17 -7.68 27.19
C VAL B 225 -23.33 -6.97 27.88
N ILE B 226 -23.32 -5.63 27.88
CA ILE B 226 -24.40 -4.89 28.50
C ILE B 226 -25.71 -5.08 27.75
N CYS B 227 -25.64 -5.17 26.41
CA CYS B 227 -26.85 -5.47 25.65
C CYS B 227 -27.39 -6.85 26.01
N LEU B 228 -26.50 -7.84 26.14
CA LEU B 228 -26.94 -9.18 26.54
C LEU B 228 -27.58 -9.16 27.93
N ILE B 229 -26.98 -8.41 28.86
CA ILE B 229 -27.53 -8.32 30.21
C ILE B 229 -28.87 -7.60 30.18
N ALA B 230 -29.02 -6.60 29.31
CA ALA B 230 -30.29 -5.89 29.18
C ALA B 230 -31.39 -6.84 28.70
N CYS B 231 -31.07 -7.68 27.72
CA CYS B 231 -32.04 -8.68 27.28
C CYS B 231 -32.36 -9.67 28.40
N LEU B 232 -31.33 -10.11 29.13
CA LEU B 232 -31.54 -11.07 30.22
C LEU B 232 -32.39 -10.47 31.33
N GLY B 233 -32.30 -9.16 31.55
CA GLY B 233 -33.07 -8.54 32.62
C GLY B 233 -34.56 -8.69 32.42
N LEU B 234 -35.03 -8.45 31.20
CA LEU B 234 -36.43 -8.73 30.89
C LEU B 234 -36.68 -10.23 30.78
N ALA B 235 -35.66 -11.01 30.40
CA ALA B 235 -35.83 -12.45 30.26
C ALA B 235 -36.09 -13.11 31.61
N LYS B 236 -35.30 -12.75 32.63
CA LYS B 236 -35.39 -13.40 33.94
C LYS B 236 -36.20 -12.61 34.96
N ARG B 237 -36.53 -11.35 34.67
CA ARG B 237 -37.32 -10.51 35.57
C ARG B 237 -36.69 -10.42 36.96
N SER B 238 -35.38 -10.17 36.98
CA SER B 238 -34.62 -10.03 38.22
C SER B 238 -34.34 -8.54 38.46
N LYS B 239 -34.73 -8.06 39.64
CA LYS B 239 -34.54 -6.64 39.95
C LYS B 239 -33.08 -6.34 40.26
N CYS B 240 -32.39 -7.26 40.93
CA CYS B 240 -31.01 -7.00 41.32
C CYS B 240 -30.09 -6.85 40.10
N LEU B 241 -30.43 -7.49 38.99
CA LEU B 241 -29.65 -7.29 37.76
C LEU B 241 -29.89 -5.90 37.18
N LEU B 242 -31.07 -5.31 37.41
CA LEU B 242 -31.38 -4.02 36.82
C LEU B 242 -30.46 -2.92 37.34
N ALA B 243 -30.14 -2.95 38.64
CA ALA B 243 -29.22 -1.96 39.19
C ALA B 243 -27.84 -2.08 38.57
N SER B 244 -27.34 -3.31 38.42
CA SER B 244 -26.01 -3.51 37.84
C SER B 244 -25.97 -3.05 36.39
N MET B 245 -26.98 -3.41 35.60
CA MET B 245 -27.01 -2.97 34.21
C MET B 245 -27.15 -1.45 34.13
N LEU B 246 -27.91 -0.84 35.05
CA LEU B 246 -28.07 0.61 35.02
C LEU B 246 -26.76 1.32 35.34
N CYS B 247 -26.04 0.87 36.37
CA CYS B 247 -24.77 1.51 36.70
C CYS B 247 -23.73 1.30 35.61
N CYS B 248 -23.68 0.07 35.05
CA CYS B 248 -22.76 -0.17 33.95
C CYS B 248 -23.13 0.65 32.72
N GLY B 249 -24.43 0.84 32.48
CA GLY B 249 -24.85 1.66 31.37
C GLY B 249 -24.48 3.12 31.56
N ALA B 250 -24.59 3.64 32.78
CA ALA B 250 -24.15 5.01 33.05
C ALA B 250 -22.65 5.15 32.84
N LEU B 251 -21.87 4.17 33.31
CA LEU B 251 -20.43 4.20 33.11
C LEU B 251 -20.09 4.18 31.62
N SER B 252 -20.72 3.28 30.87
CA SER B 252 -20.49 3.21 29.43
C SER B 252 -20.98 4.47 28.73
N LEU B 253 -22.00 5.13 29.27
CA LEU B 253 -22.49 6.38 28.68
C LEU B 253 -21.45 7.48 28.81
N LEU B 254 -20.91 7.66 30.02
CA LEU B 254 -19.88 8.68 30.18
C LEU B 254 -18.63 8.33 29.36
N LEU B 255 -18.29 7.04 29.29
CA LEU B 255 -17.16 6.60 28.48
C LEU B 255 -17.41 6.90 27.00
N SER B 256 -18.62 6.67 26.52
CA SER B 256 -18.94 6.91 25.12
C SER B 256 -18.94 8.39 24.81
N TRP B 257 -19.37 9.22 25.74
CA TRP B 257 -19.31 10.67 25.51
C TRP B 257 -17.86 11.14 25.48
N ALA B 258 -17.01 10.60 26.34
CA ALA B 258 -15.58 10.92 26.27
C ALA B 258 -15.00 10.46 24.95
N SER B 259 -15.41 9.28 24.48
CA SER B 259 -14.95 8.78 23.19
C SER B 259 -15.39 9.69 22.06
N LEU B 260 -16.62 10.20 22.12
CA LEU B 260 -17.09 11.15 21.11
C LEU B 260 -16.25 12.42 21.13
N ALA B 261 -15.94 12.94 22.32
CA ALA B 261 -15.10 14.12 22.40
C ALA B 261 -13.73 13.88 21.77
N ALA B 262 -13.11 12.75 22.13
CA ALA B 262 -11.79 12.43 21.60
C ALA B 262 -11.84 12.26 20.08
N ASP B 263 -12.86 11.57 19.57
CA ASP B 263 -12.99 11.35 18.14
C ASP B 263 -13.21 12.66 17.40
N GLY B 264 -14.03 13.56 17.95
CA GLY B 264 -14.24 14.84 17.31
C GLY B 264 -12.96 15.66 17.25
N SER B 265 -12.23 15.71 18.36
CA SER B 265 -10.98 16.47 18.38
C SER B 265 -9.97 15.88 17.40
N ALA B 266 -9.82 14.55 17.41
CA ALA B 266 -8.87 13.91 16.51
C ALA B 266 -9.27 14.11 15.05
N ALA B 267 -10.57 14.02 14.75
CA ALA B 267 -11.03 14.19 13.38
C ALA B 267 -10.77 15.60 12.88
N VAL B 268 -11.07 16.61 13.71
CA VAL B 268 -10.86 17.98 13.25
C VAL B 268 -9.37 18.26 13.10
N ALA B 269 -8.55 17.73 14.01
CA ALA B 269 -7.10 17.92 13.88
C ALA B 269 -6.56 17.26 12.61
N THR B 270 -6.98 16.03 12.35
CA THR B 270 -6.49 15.31 11.17
C THR B 270 -6.94 16.00 9.89
N SER B 271 -8.20 16.45 9.83
CA SER B 271 -8.67 17.16 8.65
C SER B 271 -7.93 18.47 8.46
N ASP B 272 -7.67 19.19 9.55
CA ASP B 272 -6.94 20.44 9.46
C ASP B 272 -5.53 20.22 8.93
N PHE B 273 -4.87 19.16 9.39
CA PHE B 273 -3.55 18.83 8.84
C PHE B 273 -3.66 18.42 7.37
N CYS B 274 -4.66 17.60 7.04
CA CYS B 274 -4.81 17.11 5.68
C CYS B 274 -5.09 18.22 4.68
N VAL B 275 -5.61 19.36 5.15
CA VAL B 275 -5.86 20.46 4.22
C VAL B 275 -4.56 20.97 3.61
N ALA B 276 -3.51 21.12 4.42
CA ALA B 276 -2.23 21.67 3.96
C ALA B 276 -1.07 20.77 4.39
N PRO B 277 -1.01 19.55 3.86
CA PRO B 277 0.09 18.65 4.23
C PRO B 277 1.43 19.13 3.69
N ASP B 278 1.39 19.65 2.46
CA ASP B 278 2.60 20.19 1.86
C ASP B 278 3.14 21.36 2.69
N THR B 279 2.26 22.26 3.10
CA THR B 279 2.67 23.41 3.92
C THR B 279 3.23 22.94 5.25
N PHE B 280 2.55 21.99 5.90
CA PHE B 280 3.03 21.49 7.18
C PHE B 280 4.43 20.89 7.05
N ILE B 281 4.62 20.00 6.08
CA ILE B 281 5.91 19.34 5.95
C ILE B 281 6.98 20.33 5.53
N LEU B 282 6.61 21.35 4.74
CA LEU B 282 7.57 22.36 4.35
C LEU B 282 8.08 23.14 5.56
N ASN B 283 7.18 23.53 6.47
CA ASN B 283 7.68 24.34 7.58
C ASN B 283 7.96 23.55 8.85
N VAL B 284 7.90 22.21 8.81
CA VAL B 284 8.53 21.43 9.87
C VAL B 284 9.93 20.99 9.47
N THR B 285 10.07 20.43 8.27
CA THR B 285 11.37 19.99 7.78
C THR B 285 12.04 21.10 6.99
N GLU B 286 12.23 22.24 7.66
CA GLU B 286 12.83 23.42 7.06
C GLU B 286 14.31 23.57 7.39
N GLY B 287 14.72 23.20 8.59
CA GLY B 287 16.11 23.32 8.99
C GLY B 287 16.96 22.10 8.66
N GLN B 288 16.44 20.91 8.98
CA GLN B 288 17.22 19.69 8.75
C GLN B 288 17.34 19.35 7.28
N ILE B 289 16.33 19.70 6.48
CA ILE B 289 16.30 19.35 5.07
C ILE B 289 16.11 20.64 4.26
N SER B 290 16.91 20.80 3.22
CA SER B 290 16.78 21.98 2.37
C SER B 290 15.43 21.98 1.67
N THR B 291 14.91 23.18 1.45
CA THR B 291 13.58 23.30 0.84
C THR B 291 13.57 22.81 -0.60
N GLU B 292 14.71 22.87 -1.29
CA GLU B 292 14.77 22.44 -2.68
C GLU B 292 14.42 20.96 -2.80
N VAL B 293 15.19 20.10 -2.13
CA VAL B 293 14.91 18.67 -2.17
C VAL B 293 13.57 18.37 -1.49
N THR B 294 13.17 19.18 -0.51
CA THR B 294 11.88 18.97 0.14
C THR B 294 10.74 19.08 -0.87
N ARG B 295 10.71 20.16 -1.64
CA ARG B 295 9.69 20.29 -2.67
C ARG B 295 9.87 19.26 -3.78
N TYR B 296 11.12 18.90 -4.08
CA TYR B 296 11.35 17.89 -5.12
C TYR B 296 10.70 16.57 -4.75
N TYR B 297 10.86 16.13 -3.50
CA TYR B 297 10.24 14.88 -3.07
C TYR B 297 8.75 15.04 -2.81
N LEU B 298 8.30 16.22 -2.40
CA LEU B 298 6.88 16.41 -2.11
C LEU B 298 6.05 16.46 -3.37
N TYR B 299 6.58 17.03 -4.44
CA TYR B 299 5.81 17.22 -5.68
C TYR B 299 6.21 16.28 -6.80
N CYS B 300 7.50 15.92 -6.89
CA CYS B 300 8.00 14.98 -7.89
C CYS B 300 7.59 15.43 -9.30
N SER B 301 8.11 16.59 -9.68
CA SER B 301 7.82 17.14 -11.00
C SER B 301 8.35 16.21 -12.09
N GLN B 302 7.49 15.91 -13.06
CA GLN B 302 7.88 15.00 -14.14
C GLN B 302 8.79 15.67 -15.16
N SER B 303 8.79 17.01 -15.23
CA SER B 303 9.62 17.70 -16.20
C SER B 303 11.10 17.44 -15.93
N GLY B 304 11.51 17.45 -14.67
CA GLY B 304 12.89 17.22 -14.31
C GLY B 304 13.39 18.17 -13.24
N SER B 305 14.54 18.80 -13.49
CA SER B 305 15.14 19.74 -12.55
C SER B 305 15.38 19.09 -11.19
N SER B 306 15.78 17.83 -11.21
CA SER B 306 16.09 17.14 -9.96
C SER B 306 17.37 17.73 -9.37
N PRO B 307 17.39 18.08 -8.08
CA PRO B 307 18.59 18.70 -7.50
C PRO B 307 19.81 17.80 -7.51
N PHE B 308 19.64 16.49 -7.63
CA PHE B 308 20.75 15.55 -7.64
C PHE B 308 21.29 15.28 -9.03
N GLN B 309 20.70 15.88 -10.08
CA GLN B 309 21.08 15.53 -11.44
C GLN B 309 22.52 15.90 -11.73
N GLN B 310 22.94 17.10 -11.34
CA GLN B 310 24.31 17.54 -11.62
C GLN B 310 25.32 16.69 -10.87
N THR B 311 25.05 16.40 -9.60
CA THR B 311 25.97 15.59 -8.80
C THR B 311 26.09 14.19 -9.38
N LEU B 312 24.95 13.58 -9.75
CA LEU B 312 24.99 12.24 -10.32
C LEU B 312 25.70 12.23 -11.66
N THR B 313 25.50 13.27 -12.48
CA THR B 313 26.20 13.36 -13.76
C THR B 313 27.71 13.45 -13.54
N THR B 314 28.15 14.29 -12.60
CA THR B 314 29.58 14.40 -12.33
C THR B 314 30.14 13.08 -11.83
N PHE B 315 29.41 12.41 -10.93
CA PHE B 315 29.86 11.12 -10.40
C PHE B 315 30.00 10.10 -11.53
N GLN B 316 29.02 10.03 -12.42
CA GLN B 316 29.07 9.04 -13.50
C GLN B 316 30.18 9.36 -14.50
N ARG B 317 30.38 10.65 -14.82
CA ARG B 317 31.46 11.01 -15.73
C ARG B 317 32.80 10.65 -15.14
N ALA B 318 33.01 10.96 -13.85
CA ALA B 318 34.27 10.63 -13.21
C ALA B 318 34.50 9.13 -13.17
N LEU B 319 33.46 8.35 -12.84
CA LEU B 319 33.64 6.90 -12.82
C LEU B 319 33.99 6.37 -14.21
N THR B 320 33.30 6.85 -15.25
CA THR B 320 33.59 6.36 -16.58
C THR B 320 35.02 6.66 -16.99
N THR B 321 35.48 7.89 -16.76
CA THR B 321 36.85 8.21 -17.17
C THR B 321 37.88 7.46 -16.33
N MET B 322 37.60 7.24 -15.04
CA MET B 322 38.50 6.42 -14.23
C MET B 322 38.61 5.01 -14.80
N GLN B 323 37.48 4.43 -15.19
CA GLN B 323 37.55 3.12 -15.82
C GLN B 323 38.32 3.17 -17.13
N ILE B 324 38.24 4.29 -17.86
CA ILE B 324 39.04 4.43 -19.07
C ILE B 324 40.53 4.37 -18.75
N GLN B 325 40.97 5.14 -17.75
CA GLN B 325 42.40 5.12 -17.43
C GLN B 325 42.82 3.76 -16.87
N VAL B 326 41.98 3.11 -16.07
CA VAL B 326 42.35 1.80 -15.53
C VAL B 326 42.43 0.78 -16.65
N ALA B 327 41.54 0.86 -17.64
CA ALA B 327 41.63 -0.02 -18.79
C ALA B 327 42.89 0.25 -19.60
N GLY B 328 43.28 1.52 -19.72
CA GLY B 328 44.54 1.84 -20.37
C GLY B 328 45.73 1.24 -19.63
N LEU B 329 45.70 1.31 -18.31
CA LEU B 329 46.72 0.63 -17.50
C LEU B 329 46.73 -0.87 -17.77
N LEU B 330 45.55 -1.48 -17.82
CA LEU B 330 45.46 -2.93 -18.01
C LEU B 330 45.99 -3.34 -19.38
N GLN B 331 45.69 -2.55 -20.41
CA GLN B 331 46.10 -2.90 -21.76
C GLN B 331 47.59 -2.73 -21.99
N PHE B 332 48.21 -1.71 -21.40
CA PHE B 332 49.57 -1.33 -21.71
C PHE B 332 50.56 -1.61 -20.57
N ALA B 333 50.22 -1.21 -19.34
CA ALA B 333 51.17 -1.32 -18.24
C ALA B 333 51.40 -2.77 -17.83
N VAL B 334 50.35 -3.60 -17.86
CA VAL B 334 50.49 -5.00 -17.45
C VAL B 334 51.52 -5.74 -18.29
N PRO B 335 51.57 -5.61 -19.62
CA PRO B 335 52.67 -6.25 -20.36
C PRO B 335 54.04 -5.83 -19.87
N LEU B 336 54.20 -4.56 -19.47
CA LEU B 336 55.50 -4.09 -18.97
C LEU B 336 55.66 -4.41 -17.48
N PHE B 337 54.78 -3.86 -16.64
CA PHE B 337 54.83 -4.10 -15.20
C PHE B 337 53.78 -5.14 -14.83
N SER B 338 54.16 -6.41 -14.96
CA SER B 338 53.29 -7.53 -14.61
C SER B 338 53.57 -8.07 -13.22
N THR B 339 54.49 -7.45 -12.47
CA THR B 339 54.88 -7.98 -11.16
C THR B 339 53.69 -8.00 -10.20
N ALA B 340 52.97 -6.88 -10.09
CA ALA B 340 51.80 -6.79 -9.23
C ALA B 340 50.73 -6.02 -9.99
N GLU B 341 49.89 -6.75 -10.72
CA GLU B 341 48.78 -6.17 -11.46
C GLU B 341 47.43 -6.68 -10.98
N GLU B 342 47.40 -7.66 -10.09
CA GLU B 342 46.15 -8.10 -9.50
C GLU B 342 45.49 -6.99 -8.69
N ASP B 343 46.30 -6.06 -8.17
CA ASP B 343 45.75 -4.88 -7.52
C ASP B 343 44.99 -3.99 -8.50
N LEU B 344 45.44 -3.93 -9.75
CA LEU B 344 44.66 -3.23 -10.77
C LEU B 344 43.33 -3.94 -11.01
N LEU B 345 43.34 -5.28 -10.97
CA LEU B 345 42.09 -6.02 -11.05
C LEU B 345 41.18 -5.70 -9.88
N ALA B 346 41.77 -5.52 -8.69
CA ALA B 346 41.00 -5.11 -7.52
C ALA B 346 40.41 -3.72 -7.72
N ILE B 347 41.17 -2.82 -8.33
CA ILE B 347 40.64 -1.50 -8.68
C ILE B 347 39.46 -1.64 -9.62
N GLN B 348 39.56 -2.54 -10.59
CA GLN B 348 38.45 -2.75 -11.51
C GLN B 348 37.21 -3.28 -10.79
N LEU B 349 37.40 -4.22 -9.86
CA LEU B 349 36.28 -4.68 -9.04
C LEU B 349 35.68 -3.52 -8.25
N LEU B 350 36.54 -2.69 -7.68
CA LEU B 350 36.06 -1.56 -6.88
C LEU B 350 35.24 -0.61 -7.74
N LEU B 351 35.72 -0.30 -8.95
CA LEU B 351 35.01 0.63 -9.81
C LEU B 351 33.70 0.05 -10.33
N ASN B 352 33.70 -1.24 -10.68
CA ASN B 352 32.46 -1.88 -11.10
C ASN B 352 31.42 -1.87 -9.99
N SER B 353 31.86 -2.22 -8.77
CA SER B 353 30.93 -2.18 -7.64
C SER B 353 30.45 -0.77 -7.36
N SER B 354 31.34 0.22 -7.49
CA SER B 354 30.94 1.60 -7.26
C SER B 354 29.96 2.08 -8.31
N GLU B 355 30.08 1.61 -9.55
CA GLU B 355 29.12 2.00 -10.57
C GLU B 355 27.77 1.33 -10.36
N SER B 356 27.79 0.07 -9.91
CA SER B 356 26.52 -0.56 -9.51
C SER B 356 25.88 0.20 -8.36
N SER B 357 26.70 0.65 -7.40
CA SER B 357 26.19 1.48 -6.32
C SER B 357 25.68 2.82 -6.84
N LEU B 358 26.29 3.35 -7.89
CA LEU B 358 25.79 4.57 -8.52
C LEU B 358 24.41 4.37 -9.10
N HIS B 359 24.19 3.25 -9.80
CA HIS B 359 22.87 2.97 -10.34
C HIS B 359 21.86 2.79 -9.22
N GLN B 360 22.25 2.08 -8.15
CA GLN B 360 21.36 1.96 -7.00
C GLN B 360 21.03 3.32 -6.41
N LEU B 361 22.03 4.19 -6.27
CA LEU B 361 21.82 5.50 -5.67
C LEU B 361 20.88 6.36 -6.50
N THR B 362 21.11 6.42 -7.81
CA THR B 362 20.23 7.20 -8.65
C THR B 362 18.83 6.59 -8.75
N ALA B 363 18.70 5.30 -8.43
CA ALA B 363 17.36 4.71 -8.32
C ALA B 363 16.68 5.12 -7.02
N MET B 364 17.43 5.17 -5.92
CA MET B 364 16.83 5.51 -4.64
C MET B 364 16.47 6.99 -4.56
N VAL B 365 17.37 7.87 -4.99
CA VAL B 365 17.17 9.32 -4.81
C VAL B 365 16.09 9.89 -5.72
N ASP B 366 15.48 9.09 -6.57
CA ASP B 366 14.39 9.60 -7.39
C ASP B 366 13.18 9.93 -6.52
N CYS B 367 12.42 10.93 -6.96
CA CYS B 367 11.23 11.35 -6.22
C CYS B 367 10.09 10.36 -6.33
N ARG B 368 10.17 9.37 -7.22
CA ARG B 368 9.01 8.51 -7.49
C ARG B 368 8.66 7.66 -6.27
N GLY B 369 9.63 6.95 -5.71
CA GLY B 369 9.33 6.05 -4.61
C GLY B 369 8.88 6.78 -3.35
N LEU B 370 9.59 7.86 -3.00
CA LEU B 370 9.24 8.60 -1.80
C LEU B 370 7.94 9.37 -1.99
N HIS B 371 7.68 9.86 -3.20
CA HIS B 371 6.39 10.49 -3.48
C HIS B 371 5.25 9.48 -3.36
N LYS B 372 5.46 8.26 -3.84
CA LYS B 372 4.45 7.22 -3.68
C LYS B 372 4.22 6.90 -2.21
N ASP B 373 5.30 6.84 -1.43
CA ASP B 373 5.16 6.60 0.01
C ASP B 373 4.39 7.72 0.69
N TYR B 374 4.68 8.97 0.32
CA TYR B 374 3.99 10.11 0.92
C TYR B 374 2.51 10.11 0.55
N LEU B 375 2.19 9.80 -0.71
CA LEU B 375 0.79 9.70 -1.11
C LEU B 375 0.09 8.56 -0.36
N ASP B 376 0.78 7.43 -0.18
CA ASP B 376 0.18 6.33 0.58
C ASP B 376 -0.08 6.73 2.02
N ALA B 377 0.86 7.46 2.63
CA ALA B 377 0.64 7.94 3.99
C ALA B 377 -0.56 8.88 4.07
N LEU B 378 -0.67 9.81 3.12
CA LEU B 378 -1.82 10.71 3.11
C LEU B 378 -3.12 9.94 2.96
N ALA B 379 -3.17 9.00 2.02
CA ALA B 379 -4.37 8.19 1.87
C ALA B 379 -4.66 7.38 3.12
N GLY B 380 -3.61 6.99 3.86
CA GLY B 380 -3.82 6.29 5.11
C GLY B 380 -4.47 7.15 6.16
N ILE B 381 -4.02 8.39 6.30
CA ILE B 381 -4.58 9.24 7.35
C ILE B 381 -5.73 10.10 6.84
N CYS B 382 -5.64 10.65 5.63
CA CYS B 382 -6.69 11.55 5.16
C CYS B 382 -7.93 10.80 4.72
N TYR B 383 -7.77 9.65 4.04
CA TYR B 383 -8.90 8.94 3.47
C TYR B 383 -9.46 7.87 4.39
N ASP B 384 -8.61 6.96 4.87
CA ASP B 384 -9.06 5.87 5.71
C ASP B 384 -9.13 6.25 7.18
N GLY B 385 -8.10 6.94 7.67
CA GLY B 385 -8.09 7.32 9.08
C GLY B 385 -9.24 8.26 9.44
N LEU B 386 -9.47 9.27 8.61
CA LEU B 386 -10.54 10.22 8.91
C LEU B 386 -11.91 9.58 8.79
N GLN B 387 -12.11 8.72 7.79
CA GLN B 387 -13.38 8.02 7.67
C GLN B 387 -13.62 7.12 8.88
N GLY B 388 -12.59 6.41 9.32
CA GLY B 388 -12.72 5.59 10.50
C GLY B 388 -13.03 6.40 11.74
N LEU B 389 -12.38 7.55 11.90
CA LEU B 389 -12.65 8.39 13.05
C LEU B 389 -14.08 8.92 13.02
N LEU B 390 -14.57 9.31 11.84
CA LEU B 390 -15.94 9.76 11.72
C LEU B 390 -16.92 8.65 12.08
N TYR B 391 -16.63 7.42 11.64
CA TYR B 391 -17.52 6.30 11.97
C TYR B 391 -17.45 5.97 13.46
N LEU B 392 -16.30 6.14 14.10
CA LEU B 392 -16.22 5.94 15.54
C LEU B 392 -16.99 7.01 16.29
N GLY B 393 -16.96 8.25 15.80
CA GLY B 393 -17.80 9.29 16.38
C GLY B 393 -19.27 8.98 16.24
N LEU B 394 -19.66 8.44 15.08
CA LEU B 394 -21.03 8.00 14.87
C LEU B 394 -21.40 6.88 15.85
N PHE B 395 -20.48 5.94 16.06
CA PHE B 395 -20.67 4.93 17.10
C PHE B 395 -20.94 5.57 18.44
N SER B 396 -20.11 6.54 18.83
CA SER B 396 -20.25 7.14 20.15
C SER B 396 -21.60 7.82 20.29
N PHE B 397 -22.00 8.59 19.27
CA PHE B 397 -23.29 9.29 19.35
C PHE B 397 -24.45 8.31 19.38
N LEU B 398 -24.41 7.28 18.54
CA LEU B 398 -25.50 6.31 18.50
C LEU B 398 -25.60 5.53 19.81
N ALA B 399 -24.46 5.13 20.37
CA ALA B 399 -24.48 4.42 21.63
C ALA B 399 -25.01 5.31 22.76
N ALA B 400 -24.60 6.58 22.76
CA ALA B 400 -25.13 7.49 23.77
C ALA B 400 -26.64 7.63 23.66
N LEU B 401 -27.14 7.80 22.44
CA LEU B 401 -28.59 7.92 22.25
C LEU B 401 -29.31 6.64 22.66
N ALA B 402 -28.76 5.48 22.28
CA ALA B 402 -29.39 4.22 22.61
C ALA B 402 -29.44 4.00 24.12
N PHE B 403 -28.35 4.30 24.81
CA PHE B 403 -28.33 4.10 26.26
C PHE B 403 -29.21 5.11 26.98
N SER B 404 -29.29 6.35 26.48
CA SER B 404 -30.21 7.31 27.05
C SER B 404 -31.65 6.85 26.89
N THR B 405 -32.00 6.34 25.70
CA THR B 405 -33.35 5.85 25.48
C THR B 405 -33.66 4.64 26.35
N MET B 406 -32.67 3.74 26.52
CA MET B 406 -32.88 2.58 27.39
C MET B 406 -33.08 3.03 28.83
N ILE B 407 -32.31 4.03 29.28
CA ILE B 407 -32.41 4.47 30.67
C ILE B 407 -33.75 5.17 30.91
N CYS B 408 -34.16 6.06 30.01
CA CYS B 408 -35.42 6.76 30.21
C CYS B 408 -36.62 5.82 30.07
N ALA B 409 -36.45 4.69 29.39
CA ALA B 409 -37.47 3.66 29.35
C ALA B 409 -37.43 2.75 30.57
N GLY B 410 -36.40 2.87 31.41
CA GLY B 410 -36.26 2.09 32.60
C GLY B 410 -37.36 2.27 33.63
N PRO B 411 -37.75 3.53 33.93
CA PRO B 411 -38.79 3.75 34.94
C PRO B 411 -40.06 2.94 34.73
N ARG B 412 -40.51 2.80 33.48
CA ARG B 412 -41.62 1.91 33.20
C ARG B 412 -41.17 0.51 32.83
N ALA B 413 -39.85 0.27 32.73
CA ALA B 413 -39.35 -1.07 32.50
C ALA B 413 -39.38 -1.90 33.78
N TRP B 414 -39.06 -1.29 34.91
CA TRP B 414 -38.99 -2.06 36.16
C TRP B 414 -40.33 -2.17 36.87
N LYS B 415 -41.43 -1.78 36.22
CA LYS B 415 -42.74 -1.94 36.83
C LYS B 415 -43.17 -3.39 36.92
N HIS B 416 -42.55 -4.27 36.13
CA HIS B 416 -42.91 -5.69 36.09
C HIS B 416 -44.39 -5.89 35.78
C1 NAG C . 23.11 21.57 -20.25
C2 NAG C . 23.11 23.06 -20.57
C3 NAG C . 24.51 23.64 -20.37
C4 NAG C . 25.02 23.32 -18.97
C5 NAG C . 24.93 21.83 -18.70
C6 NAG C . 25.29 21.46 -17.28
C7 NAG C . 22.22 24.52 -22.33
C8 NAG C . 21.78 24.62 -23.76
N2 NAG C . 22.64 23.32 -21.92
O3 NAG C . 24.49 25.05 -20.58
O4 NAG C . 26.38 23.73 -18.87
O5 NAG C . 23.60 21.36 -18.91
O6 NAG C . 24.53 22.22 -16.34
O7 NAG C . 22.18 25.48 -21.57
C1 NAG C . 26.65 24.86 -18.00
C2 NAG C . 25.36 25.58 -17.54
C3 NAG C . 25.41 25.86 -16.04
C4 NAG C . 26.76 26.39 -15.61
C5 NAG C . 27.90 25.50 -16.09
C6 NAG C . 28.69 24.88 -14.95
C7 NAG C . 23.96 27.39 -18.42
C8 NAG C . 23.93 28.66 -19.21
N2 NAG C . 25.15 26.81 -18.29
O3 NAG C . 25.11 24.66 -15.33
O4 NAG C . 26.96 27.71 -16.14
O5 NAG C . 27.37 24.41 -16.86
O6 NAG C . 27.98 23.79 -14.37
O7 NAG C . 22.94 26.91 -17.92
C1 NAG D . -2.04 0.99 -18.20
C2 NAG D . -3.32 1.81 -18.04
C3 NAG D . -3.84 2.22 -19.41
C4 NAG D . -2.75 2.92 -20.21
C5 NAG D . -1.47 2.09 -20.24
C6 NAG D . -0.31 2.84 -20.87
C7 NAG D . -4.55 1.23 -16.00
C8 NAG D . -5.62 0.39 -15.41
N2 NAG D . -4.33 1.05 -17.31
O3 NAG D . -4.96 3.08 -19.24
O4 NAG D . -3.20 3.11 -21.55
O5 NAG D . -1.07 1.75 -18.90
O6 NAG D . 0.64 1.94 -21.43
O7 NAG D . -3.90 2.03 -15.34
C1 NAG D . -3.45 4.51 -21.81
C2 NAG D . -3.58 4.69 -23.32
C3 NAG D . -3.91 6.14 -23.65
C4 NAG D . -5.13 6.60 -22.88
C5 NAG D . -4.95 6.34 -21.39
C6 NAG D . -6.19 6.65 -20.58
C7 NAG D . -2.26 3.13 -24.68
C8 NAG D . -0.93 2.86 -25.33
N2 NAG D . -2.36 4.27 -24.00
O3 NAG D . -4.13 6.27 -25.05
O4 NAG D . -5.36 7.99 -23.10
O5 NAG D . -4.66 4.95 -21.16
O6 NAG D . -7.37 6.52 -21.36
O7 NAG D . -3.22 2.35 -24.80
C1 NAG E . 34.12 -4.65 -14.86
C2 NAG E . 34.99 -5.88 -15.11
C3 NAG E . 35.52 -5.86 -16.54
C4 NAG E . 34.38 -5.71 -17.54
C5 NAG E . 33.52 -4.50 -17.18
C6 NAG E . 32.29 -4.39 -18.05
C7 NAG E . 36.77 -7.11 -13.98
C8 NAG E . 37.87 -7.06 -12.98
N2 NAG E . 36.08 -5.99 -14.16
O3 NAG E . 36.25 -7.05 -16.81
O4 NAG E . 34.90 -5.53 -18.85
O5 NAG E . 33.07 -4.59 -15.83
O6 NAG E . 31.58 -5.62 -18.14
O7 NAG E . 36.51 -8.14 -14.60
C1 NAG E . 34.81 -6.66 -19.77
C2 NAG E . 34.19 -7.91 -19.10
C3 NAG E . 33.11 -8.51 -19.99
C4 NAG E . 33.57 -8.60 -21.45
C5 NAG E . 34.07 -7.25 -21.94
C6 NAG E . 33.25 -6.70 -23.09
C7 NAG E . 35.06 -9.84 -17.87
C8 NAG E . 36.22 -10.77 -17.67
N2 NAG E . 35.22 -8.89 -18.78
O3 NAG E . 31.92 -7.74 -19.89
O4 NAG E . 34.61 -9.56 -21.57
O5 NAG E . 34.01 -6.28 -20.89
O6 NAG E . 32.15 -5.94 -22.61
O7 NAG E . 34.02 -9.96 -17.22
C1 NAG F . 14.90 2.78 10.36
C2 NAG F . 14.63 1.53 11.17
C3 NAG F . 15.79 1.29 12.14
C4 NAG F . 17.12 1.26 11.39
C5 NAG F . 17.27 2.52 10.52
C6 NAG F . 18.49 2.48 9.65
C7 NAG F . 12.24 1.07 11.47
C8 NAG F . 11.04 1.29 12.35
N2 NAG F . 13.38 1.63 11.90
O3 NAG F . 15.58 0.04 12.80
O4 NAG F . 18.19 1.23 12.33
O5 NAG F . 16.13 2.66 9.65
O6 NAG F . 19.02 3.79 9.44
O7 NAG F . 12.18 0.44 10.42
C1 NAG F . 18.77 -0.08 12.40
C2 NAG F . 20.14 0.03 13.06
C3 NAG F . 20.77 -1.35 13.21
C4 NAG F . 19.82 -2.30 13.94
C5 NAG F . 18.46 -2.32 13.23
C6 NAG F . 17.43 -3.13 13.97
C7 NAG F . 21.28 2.17 12.70
C8 NAG F . 22.21 2.95 11.81
N2 NAG F . 21.01 0.93 12.32
O3 NAG F . 21.99 -1.23 13.94
O4 NAG F . 20.36 -3.60 13.95
O5 NAG F . 17.94 -0.98 13.14
O6 NAG F . 17.03 -2.48 15.17
O7 NAG F . 20.81 2.66 13.72
C1 NAG G . 5.49 -24.49 -15.48
C2 NAG G . 6.51 -25.08 -14.50
C3 NAG G . 7.28 -26.24 -15.14
C4 NAG G . 6.33 -27.24 -15.79
C5 NAG G . 5.39 -26.53 -16.74
C6 NAG G . 4.37 -27.44 -17.38
C7 NAG G . 8.33 -24.23 -13.06
C8 NAG G . 9.21 -23.04 -12.75
N2 NAG G . 7.43 -24.05 -14.03
O3 NAG G . 8.08 -26.90 -14.16
O4 NAG G . 7.08 -28.22 -16.50
O5 NAG G . 4.67 -25.53 -16.02
O6 NAG G . 3.61 -28.12 -16.40
O7 NAG G . 8.42 -25.29 -12.44
C1 NAG H . 3.72 -31.63 -9.81
C2 NAG H . 4.22 -32.26 -8.50
C3 NAG H . 5.64 -31.81 -8.20
C4 NAG H . 6.54 -32.08 -9.39
C5 NAG H . 5.96 -31.46 -10.65
C6 NAG H . 6.75 -31.81 -11.90
C7 NAG H . 2.64 -32.83 -6.70
C8 NAG H . 1.78 -32.32 -5.59
N2 NAG H . 3.34 -31.93 -7.38
O3 NAG H . 6.12 -32.49 -7.05
O4 NAG H . 7.85 -31.54 -9.15
O5 NAG H . 4.63 -31.95 -10.87
O6 NAG H . 6.39 -33.08 -12.41
O7 NAG H . 2.71 -34.04 -6.96
C1 NAG I . 5.18 27.38 9.18
C2 NAG I . 4.63 28.36 8.14
C3 NAG I . 5.17 29.76 8.39
C4 NAG I . 4.94 30.19 9.83
C5 NAG I . 5.51 29.14 10.78
C6 NAG I . 5.22 29.45 12.24
C7 NAG I . 4.19 28.24 5.72
C8 NAG I . 4.68 27.71 4.41
N2 NAG I . 4.93 27.92 6.79
O3 NAG I . 4.55 30.69 7.50
O4 NAG I . 5.57 31.44 10.08
O5 NAG I . 4.91 27.87 10.50
O6 NAG I . 4.14 30.37 12.38
O7 NAG I . 3.18 28.92 5.81
C1 NAG J . -2.67 32.14 9.77
C2 NAG J . -3.73 32.65 8.80
C3 NAG J . -3.17 32.72 7.39
C4 NAG J . -1.87 33.53 7.37
C5 NAG J . -0.89 32.99 8.40
C6 NAG J . 0.36 33.82 8.52
C7 NAG J . -5.97 32.06 9.63
C8 NAG J . -7.11 31.09 9.53
N2 NAG J . -4.91 31.81 8.84
O3 NAG J . -4.13 33.32 6.53
O4 NAG J . -1.28 33.47 6.07
O5 NAG J . -1.50 32.98 9.70
O6 NAG J . 0.20 34.86 9.48
O7 NAG J . -5.99 33.02 10.38
#